data_5QK4
#
_entry.id   5QK4
#
_cell.length_a   49.409
_cell.length_b   59.931
_cell.length_c   80.076
_cell.angle_alpha   79.270
_cell.angle_beta   81.330
_cell.angle_gamma   75.460
#
_symmetry.space_group_name_H-M   'P 1'
#
loop_
_entity.id
_entity.type
_entity.pdbx_description
1 polymer 'ADP-sugar pyrophosphatase'
2 non-polymer 'MAGNESIUM ION'
3 non-polymer 4-acetyl-N-ethylpiperazine-1-carboxamide
4 non-polymer 1,2-ETHANEDIOL
5 non-polymer 'CHLORIDE ION'
6 water water
#
_entity_poly.entity_id   1
_entity_poly.type   'polypeptide(L)'
_entity_poly.pdbx_seq_one_letter_code
;SMESQEPTESSQNGKQYIISEELISEGKWVKLEKTTYMDPTGKTRTWESVKRTTRKEQTADGVAVIPVLQRTLHYECIVL
VKQFRPPMGGYCIEFPAGLIDDGETPEAAALRELEEETGYKGDIAECSPAVCMDPGLSNCTIHIVTVTINGDDAENARPK
PKPGDGEFVEVISLPKNDLLQRLDALVAEEHLTVDARVYSYALALKHAN
;
_entity_poly.pdbx_strand_id   A,B,C,D
#
# COMPACT_ATOMS: atom_id res chain seq x y z
N LYS A 15 -32.78 -26.64 -20.67
CA LYS A 15 -33.52 -26.26 -21.91
C LYS A 15 -32.59 -26.19 -23.14
N GLN A 16 -31.42 -25.54 -23.04
CA GLN A 16 -30.51 -25.32 -24.22
C GLN A 16 -29.41 -26.32 -24.33
N TYR A 17 -29.01 -26.57 -25.59
CA TYR A 17 -27.95 -27.55 -25.85
C TYR A 17 -27.37 -27.37 -27.21
N ILE A 18 -26.23 -28.03 -27.41
CA ILE A 18 -25.49 -27.97 -28.64
C ILE A 18 -26.11 -28.99 -29.59
N ILE A 19 -26.36 -28.55 -30.80
CA ILE A 19 -26.80 -29.41 -31.93
C ILE A 19 -25.65 -29.87 -32.80
N SER A 20 -24.76 -28.96 -33.19
CA SER A 20 -23.61 -29.36 -33.98
C SER A 20 -22.50 -28.37 -33.83
N GLU A 21 -21.27 -28.79 -34.15
CA GLU A 21 -20.10 -27.90 -34.14
C GLU A 21 -19.30 -28.15 -35.43
N GLU A 22 -19.26 -27.17 -36.33
CA GLU A 22 -18.66 -27.28 -37.66
C GLU A 22 -17.37 -26.53 -37.64
N LEU A 23 -16.27 -27.19 -38.02
CA LEU A 23 -15.01 -26.53 -38.09
C LEU A 23 -15.04 -25.45 -39.18
N ILE A 24 -14.59 -24.25 -38.85
CA ILE A 24 -14.37 -23.21 -39.85
C ILE A 24 -12.89 -23.10 -40.24
N SER A 25 -11.99 -23.06 -39.27
CA SER A 25 -10.56 -22.90 -39.55
C SER A 25 -9.75 -23.41 -38.41
N GLU A 26 -8.74 -24.24 -38.65
CA GLU A 26 -7.98 -24.85 -37.59
C GLU A 26 -6.54 -24.46 -37.80
N GLY A 27 -5.97 -23.71 -36.85
CA GLY A 27 -4.53 -23.56 -36.78
C GLY A 27 -3.82 -24.65 -36.02
N LYS A 28 -2.55 -24.41 -35.74
CA LYS A 28 -1.76 -25.31 -34.93
C LYS A 28 -2.27 -25.34 -33.49
N TRP A 29 -2.67 -24.16 -32.99
CA TRP A 29 -2.95 -23.91 -31.58
C TRP A 29 -4.39 -23.55 -31.22
N VAL A 30 -5.10 -22.94 -32.16
CA VAL A 30 -6.44 -22.42 -31.96
C VAL A 30 -7.27 -22.73 -33.21
N LYS A 31 -8.56 -22.99 -33.02
CA LYS A 31 -9.52 -23.13 -34.08
C LYS A 31 -10.77 -22.27 -33.84
N LEU A 32 -11.48 -22.02 -34.94
CA LEU A 32 -12.74 -21.36 -34.98
C LEU A 32 -13.81 -22.34 -35.49
N GLU A 33 -14.93 -22.37 -34.79
CA GLU A 33 -16.02 -23.28 -35.06
C GLU A 33 -17.34 -22.53 -35.19
N LYS A 34 -18.25 -23.07 -36.01
CA LYS A 34 -19.63 -22.59 -36.06
C LYS A 34 -20.47 -23.53 -35.21
N THR A 35 -20.97 -23.02 -34.10
CA THR A 35 -21.74 -23.80 -33.19
C THR A 35 -23.20 -23.59 -33.46
N THR A 36 -23.93 -24.70 -33.62
CA THR A 36 -25.36 -24.65 -33.75
C THR A 36 -25.92 -25.19 -32.46
N TYR A 37 -26.85 -24.40 -31.90
CA TYR A 37 -27.48 -24.76 -30.67
C TYR A 37 -28.99 -24.46 -30.66
N MET A 38 -29.64 -25.05 -29.67
CA MET A 38 -31.09 -24.90 -29.46
C MET A 38 -31.35 -23.83 -28.40
N ASP A 39 -32.09 -22.80 -28.78
CA ASP A 39 -32.38 -21.71 -27.85
C ASP A 39 -33.56 -22.14 -26.98
N PRO A 40 -33.82 -21.42 -25.88
CA PRO A 40 -34.86 -21.88 -25.00
C PRO A 40 -36.31 -21.72 -25.50
N THR A 41 -36.53 -20.93 -26.56
CA THR A 41 -37.86 -20.89 -27.26
C THR A 41 -38.07 -22.05 -28.23
N GLY A 42 -37.06 -22.91 -28.40
CA GLY A 42 -37.16 -24.08 -29.28
C GLY A 42 -36.64 -23.83 -30.69
N LYS A 43 -36.02 -22.67 -30.88
CA LYS A 43 -35.46 -22.21 -32.15
C LYS A 43 -33.94 -22.46 -32.21
N THR A 44 -33.51 -22.92 -33.39
CA THR A 44 -32.12 -23.20 -33.77
C THR A 44 -31.36 -21.83 -33.97
N ARG A 45 -30.20 -21.64 -33.35
CA ARG A 45 -29.35 -20.48 -33.62
C ARG A 45 -27.84 -20.90 -33.75
N THR A 46 -27.02 -19.97 -34.22
CA THR A 46 -25.59 -20.23 -34.32
C THR A 46 -24.75 -19.20 -33.56
N TRP A 47 -23.52 -19.59 -33.32
CA TRP A 47 -22.55 -18.83 -32.55
C TRP A 47 -21.16 -19.13 -33.15
N GLU A 48 -20.30 -18.14 -33.29
CA GLU A 48 -18.93 -18.40 -33.64
C GLU A 48 -18.09 -18.64 -32.37
N SER A 49 -17.43 -19.76 -32.28
CA SER A 49 -16.82 -20.25 -31.03
C SER A 49 -15.36 -20.50 -31.31
N VAL A 50 -14.54 -20.09 -30.35
CA VAL A 50 -13.10 -20.38 -30.32
C VAL A 50 -12.78 -21.50 -29.39
N LYS A 51 -11.87 -22.38 -29.84
CA LYS A 51 -11.34 -23.43 -29.00
C LYS A 51 -9.81 -23.59 -29.16
N ARG A 52 -9.09 -24.08 -28.14
CA ARG A 52 -7.73 -24.46 -28.35
C ARG A 52 -7.71 -25.86 -29.00
N THR A 53 -6.64 -26.17 -29.73
CA THR A 53 -6.42 -27.54 -30.27
C THR A 53 -5.58 -28.48 -29.36
N THR A 54 -5.17 -27.97 -28.20
CA THR A 54 -4.28 -28.61 -27.31
C THR A 54 -4.91 -29.38 -26.16
N ARG A 55 -6.25 -29.37 -25.99
CA ARG A 55 -6.86 -29.94 -24.81
C ARG A 55 -7.07 -31.41 -25.08
N LYS A 56 -6.53 -32.28 -24.26
CA LYS A 56 -6.74 -33.72 -24.42
C LYS A 56 -7.70 -34.20 -23.32
N GLU A 57 -7.20 -34.97 -22.36
CA GLU A 57 -7.96 -35.36 -21.16
C GLU A 57 -7.86 -34.41 -19.92
N GLN A 58 -7.18 -33.27 -20.06
CA GLN A 58 -7.07 -32.32 -18.96
C GLN A 58 -8.45 -31.82 -18.54
N THR A 59 -8.59 -31.51 -17.27
CA THR A 59 -9.88 -31.04 -16.72
C THR A 59 -10.10 -29.57 -17.12
N ALA A 60 -9.06 -28.93 -17.66
CA ALA A 60 -9.10 -27.61 -18.13
C ALA A 60 -7.92 -27.41 -19.07
N ASP A 61 -7.92 -26.30 -19.80
CA ASP A 61 -6.78 -25.96 -20.61
C ASP A 61 -5.53 -25.67 -19.82
N GLY A 62 -5.68 -24.89 -18.76
CA GLY A 62 -4.55 -24.24 -18.16
C GLY A 62 -4.75 -24.07 -16.65
N VAL A 63 -3.74 -23.52 -16.02
CA VAL A 63 -3.80 -23.06 -14.67
C VAL A 63 -3.38 -21.58 -14.62
N ALA A 64 -3.90 -20.87 -13.63
CA ALA A 64 -3.36 -19.57 -13.21
C ALA A 64 -3.10 -19.70 -11.69
N VAL A 65 -2.01 -19.15 -11.25
CA VAL A 65 -1.55 -19.36 -9.88
C VAL A 65 -1.75 -18.05 -9.10
N ILE A 66 -2.39 -18.14 -7.93
CA ILE A 66 -2.45 -17.00 -7.02
C ILE A 66 -1.36 -17.28 -5.99
N PRO A 67 -0.24 -16.60 -6.13
CA PRO A 67 0.88 -16.98 -5.28
C PRO A 67 1.09 -15.94 -4.16
N VAL A 68 0.87 -16.40 -2.94
CA VAL A 68 0.90 -15.54 -1.74
C VAL A 68 2.24 -15.68 -1.06
N LEU A 69 3.10 -14.67 -1.23
CA LEU A 69 4.41 -14.71 -0.72
C LEU A 69 4.38 -14.27 0.72
N GLN A 70 4.87 -15.15 1.62
CA GLN A 70 4.73 -14.94 3.11
C GLN A 70 6.15 -14.93 3.69
N ARG A 71 6.46 -13.88 4.49
CA ARG A 71 7.81 -13.68 4.98
C ARG A 71 7.68 -13.05 6.32
N THR A 72 8.52 -13.51 7.24
CA THR A 72 8.44 -12.99 8.60
C THR A 72 8.74 -11.48 8.55
N LEU A 73 7.86 -10.78 9.18
CA LEU A 73 7.98 -9.31 9.44
C LEU A 73 7.80 -8.55 8.15
N HIS A 74 7.17 -9.23 7.16
CA HIS A 74 6.75 -8.56 5.90
C HIS A 74 5.25 -8.67 5.75
N TYR A 75 4.64 -7.67 5.06
CA TYR A 75 3.29 -7.84 4.65
C TYR A 75 3.29 -8.88 3.51
N GLU A 76 2.19 -9.57 3.42
CA GLU A 76 2.01 -10.64 2.37
C GLU A 76 2.01 -9.97 1.04
N CYS A 77 2.66 -10.59 0.04
CA CYS A 77 2.62 -10.09 -1.34
C CYS A 77 1.91 -11.05 -2.23
N ILE A 78 1.41 -10.52 -3.33
CA ILE A 78 0.85 -11.33 -4.45
C ILE A 78 1.94 -11.28 -5.48
N VAL A 79 2.35 -12.44 -5.96
CA VAL A 79 3.41 -12.50 -6.95
C VAL A 79 2.75 -12.53 -8.34
N LEU A 80 3.11 -11.54 -9.15
CA LEU A 80 2.61 -11.40 -10.51
C LEU A 80 3.72 -11.42 -11.55
N VAL A 81 3.34 -11.61 -12.79
CA VAL A 81 4.34 -11.63 -13.89
C VAL A 81 3.92 -10.71 -15.01
N LYS A 82 4.94 -10.15 -15.66
CA LYS A 82 4.78 -9.21 -16.79
C LYS A 82 5.49 -9.81 -17.98
N GLN A 83 4.79 -9.87 -19.10
CA GLN A 83 5.27 -10.47 -20.30
C GLN A 83 4.64 -9.76 -21.48
N PHE A 84 5.32 -9.87 -22.60
CA PHE A 84 4.74 -9.45 -23.86
C PHE A 84 3.79 -10.54 -24.36
N ARG A 85 2.60 -10.14 -24.71
CA ARG A 85 1.54 -10.99 -25.19
C ARG A 85 1.22 -10.59 -26.63
N PRO A 86 1.66 -11.43 -27.57
CA PRO A 86 1.41 -11.06 -28.98
C PRO A 86 -0.07 -10.79 -29.32
N PRO A 87 -1.06 -11.59 -28.80
CA PRO A 87 -2.43 -11.19 -29.13
C PRO A 87 -2.83 -9.79 -28.75
N MET A 88 -2.27 -9.26 -27.66
CA MET A 88 -2.60 -7.97 -27.17
C MET A 88 -1.69 -6.91 -27.79
N GLY A 89 -0.60 -7.30 -28.47
CA GLY A 89 0.43 -6.37 -28.95
C GLY A 89 1.07 -5.46 -27.91
N GLY A 90 1.34 -6.01 -26.72
CA GLY A 90 1.83 -5.23 -25.65
C GLY A 90 2.04 -6.11 -24.42
N TYR A 91 2.57 -5.46 -23.38
CA TYR A 91 2.88 -6.05 -22.08
C TYR A 91 1.65 -6.12 -21.16
N CYS A 92 1.54 -7.25 -20.46
CA CYS A 92 0.40 -7.51 -19.61
C CYS A 92 0.90 -8.00 -18.29
N ILE A 93 0.14 -7.67 -17.24
CA ILE A 93 0.51 -8.08 -15.87
C ILE A 93 -0.54 -9.11 -15.47
N GLU A 94 -0.07 -10.31 -15.15
CA GLU A 94 -0.97 -11.46 -14.92
C GLU A 94 -0.52 -12.30 -13.72
N PHE A 95 -1.42 -13.11 -13.23
CA PHE A 95 -1.03 -14.25 -12.41
C PHE A 95 -0.11 -15.16 -13.25
N PRO A 96 0.89 -15.78 -12.64
CA PRO A 96 1.65 -16.86 -13.29
C PRO A 96 0.68 -17.96 -13.76
N ALA A 97 0.92 -18.45 -14.94
CA ALA A 97 -0.02 -19.31 -15.64
C ALA A 97 0.61 -20.06 -16.76
N GLY A 98 0.03 -21.25 -17.07
CA GLY A 98 0.46 -22.00 -18.23
C GLY A 98 -0.53 -23.09 -18.51
N LEU A 99 -0.42 -23.66 -19.69
CA LEU A 99 -1.27 -24.80 -20.02
C LEU A 99 -0.83 -26.04 -19.23
N ILE A 100 -1.77 -26.94 -18.97
CA ILE A 100 -1.54 -28.15 -18.24
C ILE A 100 -1.00 -29.20 -19.22
N ASP A 101 0.14 -29.83 -18.92
CA ASP A 101 0.68 -30.82 -19.91
C ASP A 101 -0.16 -32.07 -19.83
N ASP A 102 -0.11 -32.90 -20.87
CA ASP A 102 -0.91 -34.15 -20.89
C ASP A 102 -0.46 -35.02 -19.69
N GLY A 103 -1.40 -35.46 -18.86
CA GLY A 103 -1.12 -36.35 -17.76
C GLY A 103 -0.76 -35.63 -16.47
N GLU A 104 -0.63 -34.31 -16.54
CA GLU A 104 -0.21 -33.53 -15.43
C GLU A 104 -1.47 -33.14 -14.62
N THR A 105 -1.34 -33.05 -13.31
CA THR A 105 -2.46 -32.57 -12.48
C THR A 105 -2.53 -31.01 -12.52
N PRO A 106 -3.69 -30.45 -12.25
CA PRO A 106 -3.64 -28.94 -12.19
C PRO A 106 -2.64 -28.44 -11.13
N GLU A 107 -2.58 -29.07 -9.98
CA GLU A 107 -1.70 -28.70 -8.89
C GLU A 107 -0.25 -28.76 -9.28
N ALA A 108 0.16 -29.88 -9.84
CA ALA A 108 1.50 -30.01 -10.41
C ALA A 108 1.85 -28.95 -11.47
N ALA A 109 0.92 -28.71 -12.37
CA ALA A 109 1.11 -27.65 -13.37
C ALA A 109 1.30 -26.29 -12.73
N ALA A 110 0.47 -25.95 -11.76
CA ALA A 110 0.60 -24.68 -11.01
C ALA A 110 1.93 -24.53 -10.37
N LEU A 111 2.37 -25.55 -9.64
CA LEU A 111 3.64 -25.40 -8.95
C LEU A 111 4.77 -25.36 -9.94
N ARG A 112 4.68 -26.10 -11.03
CA ARG A 112 5.74 -26.08 -12.06
C ARG A 112 5.78 -24.73 -12.76
N GLU A 113 4.62 -24.24 -13.18
CA GLU A 113 4.59 -22.95 -13.83
C GLU A 113 5.08 -21.82 -12.93
N LEU A 114 4.63 -21.82 -11.69
CA LEU A 114 5.10 -20.85 -10.72
C LEU A 114 6.63 -20.86 -10.61
N GLU A 115 7.20 -22.06 -10.51
CA GLU A 115 8.68 -22.12 -10.40
C GLU A 115 9.33 -21.67 -11.71
N GLU A 116 8.78 -22.08 -12.85
CA GLU A 116 9.36 -21.69 -14.17
C GLU A 116 9.34 -20.19 -14.38
N GLU A 117 8.22 -19.59 -13.99
CA GLU A 117 7.98 -18.20 -14.31
C GLU A 117 8.57 -17.24 -13.28
N THR A 118 8.63 -17.67 -12.04
CA THR A 118 9.08 -16.80 -10.96
C THR A 118 10.31 -17.24 -10.20
N GLY A 119 10.66 -18.50 -10.30
CA GLY A 119 11.70 -19.06 -9.41
C GLY A 119 11.24 -19.60 -8.07
N TYR A 120 10.03 -19.24 -7.64
CA TYR A 120 9.57 -19.63 -6.37
C TYR A 120 9.00 -21.03 -6.31
N LYS A 121 9.31 -21.72 -5.20
CA LYS A 121 8.76 -23.01 -4.89
C LYS A 121 7.63 -22.87 -3.89
N GLY A 122 6.42 -23.07 -4.37
CA GLY A 122 5.25 -22.86 -3.54
C GLY A 122 4.71 -24.08 -2.88
N ASP A 123 3.74 -23.89 -1.99
CA ASP A 123 2.98 -25.01 -1.36
C ASP A 123 1.54 -24.88 -1.74
N ILE A 124 0.91 -25.95 -2.22
CA ILE A 124 -0.49 -25.85 -2.58
C ILE A 124 -1.38 -25.42 -1.39
N ALA A 125 -2.28 -24.46 -1.63
CA ALA A 125 -3.31 -24.13 -0.61
C ALA A 125 -4.68 -24.60 -1.00
N GLU A 126 -5.11 -24.33 -2.23
CA GLU A 126 -6.45 -24.68 -2.75
C GLU A 126 -6.42 -24.74 -4.22
N CYS A 127 -7.40 -25.40 -4.75
CA CYS A 127 -7.51 -25.56 -6.21
C CYS A 127 -8.96 -25.43 -6.63
N SER A 128 -9.30 -24.52 -7.53
CA SER A 128 -10.67 -24.31 -7.94
C SER A 128 -11.11 -25.43 -8.87
N PRO A 129 -12.41 -25.55 -9.05
CA PRO A 129 -12.90 -26.27 -10.23
C PRO A 129 -12.54 -25.48 -11.50
N ALA A 130 -12.70 -26.18 -12.64
CA ALA A 130 -12.48 -25.56 -13.92
C ALA A 130 -13.40 -24.33 -14.07
N VAL A 131 -12.78 -23.17 -14.33
CA VAL A 131 -13.54 -21.88 -14.49
C VAL A 131 -13.27 -21.32 -15.91
N CYS A 132 -14.25 -20.63 -16.47
CA CYS A 132 -14.25 -20.23 -17.87
C CYS A 132 -13.62 -18.86 -18.04
N MET A 133 -12.74 -18.79 -19.02
CA MET A 133 -11.98 -17.63 -19.36
C MET A 133 -12.76 -16.51 -20.02
N ASP A 134 -13.62 -16.82 -20.99
CA ASP A 134 -14.31 -15.78 -21.75
C ASP A 134 -15.45 -16.52 -22.49
N PRO A 135 -16.51 -16.90 -21.74
CA PRO A 135 -17.39 -17.96 -22.18
C PRO A 135 -18.29 -17.56 -23.32
N GLY A 136 -18.50 -16.26 -23.56
CA GLY A 136 -19.14 -15.77 -24.81
C GLY A 136 -18.32 -15.92 -26.08
N LEU A 137 -17.04 -16.22 -25.93
CA LEU A 137 -16.09 -16.26 -27.05
C LEU A 137 -15.52 -17.70 -27.28
N SER A 138 -15.03 -18.28 -26.22
CA SER A 138 -14.24 -19.50 -26.24
C SER A 138 -14.72 -20.53 -25.19
N ASN A 139 -14.29 -21.76 -25.39
CA ASN A 139 -14.46 -22.80 -24.39
C ASN A 139 -13.27 -22.85 -23.41
N CYS A 140 -12.34 -21.95 -23.44
CA CYS A 140 -11.13 -22.08 -22.61
C CYS A 140 -11.44 -21.98 -21.13
N THR A 141 -10.73 -22.85 -20.43
CA THR A 141 -10.93 -23.02 -18.98
C THR A 141 -9.58 -23.12 -18.33
N ILE A 142 -9.61 -22.70 -17.05
CA ILE A 142 -8.47 -22.95 -16.15
C ILE A 142 -8.88 -23.43 -14.82
N HIS A 143 -7.92 -23.99 -14.07
CA HIS A 143 -7.99 -24.04 -12.61
C HIS A 143 -7.19 -22.87 -12.03
N ILE A 144 -7.78 -22.20 -11.07
CA ILE A 144 -7.14 -21.16 -10.34
C ILE A 144 -6.61 -21.84 -9.07
N VAL A 145 -5.30 -21.86 -8.94
CA VAL A 145 -4.62 -22.60 -7.84
C VAL A 145 -3.96 -21.61 -6.95
N THR A 146 -4.41 -21.56 -5.71
CA THR A 146 -3.81 -20.69 -4.64
C THR A 146 -2.64 -21.45 -4.06
N VAL A 147 -1.48 -20.79 -3.98
CA VAL A 147 -0.27 -21.37 -3.48
C VAL A 147 0.37 -20.38 -2.53
N THR A 148 0.84 -20.82 -1.37
CA THR A 148 1.64 -19.98 -0.49
C THR A 148 3.14 -20.23 -0.77
N ILE A 149 3.96 -19.19 -0.68
CA ILE A 149 5.37 -19.30 -0.86
C ILE A 149 5.96 -18.90 0.51
N ASN A 150 6.78 -19.81 1.06
CA ASN A 150 7.45 -19.54 2.33
C ASN A 150 8.69 -18.77 1.91
N GLY A 151 8.61 -17.42 1.95
CA GLY A 151 9.77 -16.68 1.55
C GLY A 151 10.87 -16.64 2.59
N ASP A 152 10.67 -17.26 3.74
CA ASP A 152 11.82 -17.41 4.70
C ASP A 152 12.64 -18.69 4.42
N ASP A 153 12.12 -19.62 3.59
CA ASP A 153 12.89 -20.80 3.20
C ASP A 153 14.07 -20.39 2.28
N ALA A 154 15.25 -20.94 2.52
CA ALA A 154 16.46 -20.63 1.70
C ALA A 154 16.25 -20.92 0.18
N GLU A 155 15.42 -21.93 -0.12
CA GLU A 155 15.03 -22.25 -1.49
C GLU A 155 14.43 -21.03 -2.21
N ASN A 156 13.75 -20.16 -1.47
CA ASN A 156 13.05 -19.02 -2.04
C ASN A 156 13.77 -17.70 -1.78
N ALA A 157 15.08 -17.75 -1.55
CA ALA A 157 15.84 -16.54 -1.16
C ALA A 157 16.25 -15.79 -2.38
N ARG A 158 16.87 -16.48 -3.33
CA ARG A 158 17.33 -15.88 -4.57
C ARG A 158 16.55 -16.54 -5.74
N PRO A 159 15.21 -16.36 -5.79
CA PRO A 159 14.44 -17.05 -6.84
C PRO A 159 14.83 -16.60 -8.27
N LYS A 160 15.30 -17.51 -9.13
CA LYS A 160 15.60 -17.22 -10.55
C LYS A 160 14.58 -17.89 -11.48
N PRO A 161 13.79 -17.12 -12.24
CA PRO A 161 12.95 -17.82 -13.25
C PRO A 161 13.75 -18.83 -14.12
N LYS A 162 13.13 -19.96 -14.47
CA LYS A 162 13.61 -20.88 -15.51
C LYS A 162 12.70 -20.80 -16.73
N PRO A 163 12.78 -19.69 -17.47
CA PRO A 163 11.93 -19.60 -18.63
C PRO A 163 12.24 -20.71 -19.68
N GLY A 164 11.18 -21.26 -20.29
CA GLY A 164 11.29 -22.22 -21.39
C GLY A 164 11.64 -21.47 -22.65
N ASP A 165 11.64 -22.18 -23.78
CA ASP A 165 12.04 -21.50 -25.04
C ASP A 165 11.00 -20.41 -25.39
N GLY A 166 11.49 -19.22 -25.73
CA GLY A 166 10.62 -18.12 -26.11
C GLY A 166 9.69 -17.59 -25.01
N GLU A 167 10.17 -17.66 -23.77
CA GLU A 167 9.49 -17.07 -22.62
C GLU A 167 10.45 -16.03 -22.03
N PHE A 168 10.04 -14.75 -21.97
CA PHE A 168 10.72 -13.74 -21.11
C PHE A 168 9.69 -13.14 -20.16
N VAL A 169 9.86 -13.46 -18.89
CA VAL A 169 8.98 -13.05 -17.85
C VAL A 169 9.70 -12.20 -16.81
N GLU A 170 9.07 -11.08 -16.44
CA GLU A 170 9.47 -10.26 -15.31
C GLU A 170 8.53 -10.53 -14.12
N VAL A 171 9.10 -10.67 -12.91
CA VAL A 171 8.36 -10.90 -11.70
C VAL A 171 8.09 -9.58 -10.95
N ILE A 172 6.84 -9.39 -10.54
CA ILE A 172 6.42 -8.18 -9.84
C ILE A 172 5.64 -8.65 -8.65
N SER A 173 6.20 -8.46 -7.47
CA SER A 173 5.49 -8.78 -6.20
C SER A 173 4.95 -7.56 -5.56
N LEU A 174 3.65 -7.55 -5.27
CA LEU A 174 3.00 -6.38 -4.73
C LEU A 174 2.32 -6.72 -3.45
N PRO A 175 2.33 -5.79 -2.46
CA PRO A 175 1.62 -6.10 -1.24
C PRO A 175 0.18 -6.28 -1.37
N LYS A 176 -0.31 -7.38 -0.83
CA LYS A 176 -1.73 -7.67 -0.85
C LYS A 176 -2.60 -6.55 -0.29
N ASN A 177 -2.08 -5.89 0.75
CA ASN A 177 -2.87 -4.88 1.45
C ASN A 177 -2.96 -3.59 0.66
N ASP A 178 -2.26 -3.48 -0.46
CA ASP A 178 -2.37 -2.24 -1.29
C ASP A 178 -2.45 -2.62 -2.79
N LEU A 179 -2.99 -3.84 -3.13
CA LEU A 179 -2.75 -4.36 -4.46
C LEU A 179 -3.34 -3.48 -5.59
N LEU A 180 -4.57 -3.05 -5.44
CA LEU A 180 -5.25 -2.30 -6.50
C LEU A 180 -4.52 -0.96 -6.75
N GLN A 181 -4.14 -0.25 -5.70
CA GLN A 181 -3.47 1.04 -5.88
C GLN A 181 -2.13 0.85 -6.48
N ARG A 182 -1.50 -0.27 -6.15
CA ARG A 182 -0.19 -0.51 -6.72
C ARG A 182 -0.21 -0.90 -8.22
N LEU A 183 -1.25 -1.65 -8.60
CA LEU A 183 -1.52 -1.94 -9.98
C LEU A 183 -1.84 -0.63 -10.75
N ASP A 184 -2.67 0.20 -10.14
CA ASP A 184 -3.01 1.54 -10.76
C ASP A 184 -1.72 2.35 -10.98
N ALA A 185 -0.83 2.40 -10.01
CA ALA A 185 0.40 3.14 -10.22
C ALA A 185 1.30 2.57 -11.31
N LEU A 186 1.31 1.23 -11.48
CA LEU A 186 2.05 0.63 -12.59
C LEU A 186 1.48 1.01 -13.97
N VAL A 187 0.17 0.99 -14.08
CA VAL A 187 -0.59 1.34 -15.27
C VAL A 187 -0.38 2.84 -15.53
N ALA A 188 -0.45 3.68 -14.48
CA ALA A 188 -0.18 5.13 -14.68
C ALA A 188 1.22 5.42 -15.29
N GLU A 189 2.23 4.60 -14.99
CA GLU A 189 3.62 4.86 -15.39
C GLU A 189 4.11 4.38 -16.78
N GLU A 190 3.47 3.34 -17.34
CA GLU A 190 3.73 2.89 -18.71
C GLU A 190 2.50 2.25 -19.35
N HIS A 191 2.58 2.04 -20.68
CA HIS A 191 1.54 1.31 -21.39
C HIS A 191 1.68 -0.18 -21.06
N LEU A 192 0.70 -0.68 -20.32
CA LEU A 192 0.58 -2.09 -20.01
C LEU A 192 -0.88 -2.34 -19.64
N THR A 193 -1.27 -3.58 -19.69
CA THR A 193 -2.66 -3.94 -19.45
C THR A 193 -2.63 -4.89 -18.25
N VAL A 194 -3.48 -4.65 -17.30
CA VAL A 194 -3.60 -5.62 -16.24
C VAL A 194 -4.64 -6.62 -16.67
N ASP A 195 -4.44 -7.85 -16.28
CA ASP A 195 -5.39 -8.90 -16.53
C ASP A 195 -6.63 -8.79 -15.71
N ALA A 196 -7.75 -9.11 -16.35
CA ALA A 196 -9.04 -9.07 -15.67
C ALA A 196 -9.20 -9.88 -14.37
N ARG A 197 -8.52 -11.01 -14.30
CA ARG A 197 -8.61 -11.82 -13.07
C ARG A 197 -7.80 -11.16 -11.95
N VAL A 198 -6.61 -10.65 -12.28
CA VAL A 198 -5.82 -9.91 -11.31
C VAL A 198 -6.57 -8.68 -10.80
N TYR A 199 -7.22 -7.95 -11.71
CA TYR A 199 -7.98 -6.74 -11.32
C TYR A 199 -9.16 -7.09 -10.46
N SER A 200 -9.82 -8.18 -10.79
CA SER A 200 -10.97 -8.64 -10.06
C SER A 200 -10.58 -9.00 -8.61
N TYR A 201 -9.48 -9.70 -8.48
CA TYR A 201 -8.94 -10.10 -7.19
C TYR A 201 -8.53 -8.85 -6.40
N ALA A 202 -7.81 -7.94 -7.01
CA ALA A 202 -7.47 -6.67 -6.34
C ALA A 202 -8.68 -5.83 -5.93
N LEU A 203 -9.71 -5.74 -6.77
CA LEU A 203 -10.98 -5.12 -6.39
C LEU A 203 -11.64 -5.72 -5.16
N ALA A 204 -11.74 -7.09 -5.14
CA ALA A 204 -12.37 -7.74 -3.99
C ALA A 204 -11.59 -7.45 -2.67
N LEU A 205 -10.27 -7.46 -2.74
CA LEU A 205 -9.40 -7.13 -1.60
C LEU A 205 -9.74 -5.73 -1.07
N LYS A 206 -9.97 -4.77 -1.98
CA LYS A 206 -10.48 -3.45 -1.57
C LYS A 206 -11.88 -3.53 -0.98
N HIS A 207 -12.79 -4.26 -1.63
CA HIS A 207 -14.18 -4.24 -1.23
C HIS A 207 -14.39 -5.00 0.09
N ALA A 208 -13.44 -5.85 0.47
CA ALA A 208 -13.58 -6.61 1.66
C ALA A 208 -13.21 -5.69 2.85
N LYS B 15 11.38 -3.74 -25.86
CA LYS B 15 12.16 -4.84 -26.48
C LYS B 15 11.27 -5.62 -27.45
N GLN B 16 10.03 -5.97 -27.08
CA GLN B 16 9.19 -6.79 -27.96
C GLN B 16 8.10 -5.97 -28.66
N TYR B 17 7.72 -6.41 -29.86
CA TYR B 17 6.72 -5.67 -30.62
C TYR B 17 6.21 -6.54 -31.79
N ILE B 18 5.09 -6.11 -32.35
CA ILE B 18 4.45 -6.80 -33.44
C ILE B 18 5.14 -6.30 -34.72
N ILE B 19 5.34 -7.21 -35.65
CA ILE B 19 5.90 -6.88 -36.93
C ILE B 19 4.74 -6.83 -37.91
N SER B 20 4.02 -7.94 -38.02
CA SER B 20 2.89 -8.05 -38.94
C SER B 20 1.81 -8.99 -38.45
N GLU B 21 0.65 -8.89 -39.05
CA GLU B 21 -0.48 -9.70 -38.70
C GLU B 21 -1.00 -10.23 -40.00
N GLU B 22 -1.24 -11.53 -40.03
CA GLU B 22 -1.75 -12.22 -41.16
C GLU B 22 -3.14 -12.77 -40.87
N LEU B 23 -4.13 -12.29 -41.59
CA LEU B 23 -5.47 -12.84 -41.42
C LEU B 23 -5.53 -14.32 -41.78
N ILE B 24 -6.02 -15.18 -40.89
CA ILE B 24 -6.19 -16.59 -41.22
C ILE B 24 -7.64 -16.85 -41.61
N SER B 25 -8.57 -16.30 -40.83
CA SER B 25 -9.98 -16.59 -41.03
C SER B 25 -10.84 -15.56 -40.30
N GLU B 26 -11.83 -15.01 -40.99
CA GLU B 26 -12.61 -13.93 -40.42
C GLU B 26 -14.08 -14.32 -40.49
N GLY B 27 -14.72 -14.38 -39.34
CA GLY B 27 -16.14 -14.59 -39.31
C GLY B 27 -16.81 -13.22 -39.25
N LYS B 28 -18.07 -13.26 -38.88
CA LYS B 28 -18.88 -12.10 -38.62
C LYS B 28 -18.51 -11.44 -37.29
N TRP B 29 -18.21 -12.26 -36.27
CA TRP B 29 -17.98 -11.79 -34.90
C TRP B 29 -16.53 -11.95 -34.39
N VAL B 30 -15.79 -12.90 -34.96
CA VAL B 30 -14.44 -13.25 -34.48
C VAL B 30 -13.57 -13.49 -35.70
N LYS B 31 -12.29 -13.11 -35.63
CA LYS B 31 -11.25 -13.54 -36.56
C LYS B 31 -10.08 -14.21 -35.88
N LEU B 32 -9.33 -15.02 -36.63
CA LEU B 32 -8.11 -15.65 -36.27
C LEU B 32 -6.99 -15.14 -37.13
N GLU B 33 -5.92 -14.71 -36.47
CA GLU B 33 -4.76 -14.11 -37.13
C GLU B 33 -3.51 -14.84 -36.75
N LYS B 34 -2.50 -14.78 -37.60
CA LYS B 34 -1.18 -15.24 -37.25
C LYS B 34 -0.34 -13.98 -37.04
N THR B 35 0.09 -13.74 -35.80
CA THR B 35 0.87 -12.58 -35.45
C THR B 35 2.36 -12.87 -35.55
N THR B 36 3.07 -12.03 -36.31
CA THR B 36 4.52 -12.08 -36.26
C THR B 36 5.08 -11.04 -35.30
N TYR B 37 6.00 -11.45 -34.43
CA TYR B 37 6.58 -10.52 -33.43
C TYR B 37 8.08 -10.76 -33.22
N MET B 38 8.72 -9.75 -32.66
CA MET B 38 10.13 -9.81 -32.38
C MET B 38 10.31 -10.22 -30.94
N ASP B 39 11.02 -11.32 -30.73
CA ASP B 39 11.31 -11.77 -29.38
C ASP B 39 12.46 -10.90 -28.82
N PRO B 40 12.72 -10.97 -27.53
CA PRO B 40 13.72 -10.00 -27.03
C PRO B 40 15.17 -10.35 -27.42
N THR B 41 15.42 -11.59 -27.81
CA THR B 41 16.73 -11.93 -28.39
C THR B 41 16.97 -11.34 -29.77
N GLY B 42 15.92 -10.84 -30.46
CA GLY B 42 16.04 -10.44 -31.89
C GLY B 42 15.60 -11.53 -32.87
N LYS B 43 14.94 -12.59 -32.36
CA LYS B 43 14.43 -13.69 -33.18
C LYS B 43 12.95 -13.45 -33.43
N THR B 44 12.56 -13.69 -34.67
CA THR B 44 11.24 -13.40 -35.16
C THR B 44 10.39 -14.65 -34.84
N ARG B 45 9.17 -14.46 -34.30
CA ARG B 45 8.34 -15.61 -33.88
C ARG B 45 6.88 -15.34 -34.22
N THR B 46 6.09 -16.41 -34.21
CA THR B 46 4.68 -16.34 -34.59
C THR B 46 3.77 -16.84 -33.43
N TRP B 47 2.58 -16.31 -33.45
CA TRP B 47 1.59 -16.56 -32.40
C TRP B 47 0.21 -16.50 -33.03
N GLU B 48 -0.59 -17.54 -32.81
CA GLU B 48 -1.96 -17.53 -33.33
C GLU B 48 -2.80 -16.79 -32.30
N SER B 49 -3.51 -15.78 -32.76
CA SER B 49 -4.29 -14.86 -31.99
C SER B 49 -5.75 -14.75 -32.47
N VAL B 50 -6.66 -14.53 -31.54
CA VAL B 50 -8.08 -14.30 -31.84
C VAL B 50 -8.36 -12.81 -31.56
N LYS B 51 -9.14 -12.18 -32.42
CA LYS B 51 -9.72 -10.88 -32.18
C LYS B 51 -11.23 -10.88 -32.50
N ARG B 52 -11.95 -10.03 -31.77
CA ARG B 52 -13.33 -9.71 -32.22
C ARG B 52 -13.28 -8.76 -33.40
N THR B 53 -14.27 -8.90 -34.28
CA THR B 53 -14.45 -7.97 -35.42
C THR B 53 -15.30 -6.75 -35.07
N THR B 54 -15.86 -6.70 -33.87
CA THR B 54 -16.81 -5.67 -33.45
C THR B 54 -16.23 -4.43 -32.75
N ARG B 55 -14.94 -4.43 -32.44
CA ARG B 55 -14.40 -3.30 -31.72
C ARG B 55 -14.18 -2.13 -32.67
N LYS B 56 -14.53 -0.91 -32.23
CA LYS B 56 -14.39 0.32 -33.07
C LYS B 56 -13.47 1.34 -32.42
N GLN B 58 -14.01 2.21 -29.33
CA GLN B 58 -14.26 1.82 -27.94
C GLN B 58 -12.97 1.70 -27.11
N THR B 59 -13.11 2.01 -25.82
CA THR B 59 -12.07 1.83 -24.76
C THR B 59 -11.64 0.33 -24.56
N ALA B 60 -12.53 -0.56 -24.98
CA ALA B 60 -12.50 -2.01 -24.70
C ALA B 60 -13.63 -2.66 -25.50
N ASP B 61 -13.62 -3.99 -25.63
CA ASP B 61 -14.70 -4.71 -26.28
C ASP B 61 -16.01 -4.61 -25.48
N GLY B 62 -15.94 -4.85 -24.16
CA GLY B 62 -17.06 -5.12 -23.29
C GLY B 62 -16.91 -4.42 -21.91
N VAL B 63 -17.97 -4.59 -21.14
CA VAL B 63 -17.99 -4.30 -19.73
C VAL B 63 -18.42 -5.54 -19.01
N ALA B 64 -17.96 -5.70 -17.77
CA ALA B 64 -18.54 -6.63 -16.86
C ALA B 64 -18.83 -5.83 -15.60
N VAL B 65 -19.93 -6.12 -15.00
CA VAL B 65 -20.46 -5.34 -13.92
C VAL B 65 -20.35 -6.17 -12.63
N ILE B 66 -19.71 -5.60 -11.65
CA ILE B 66 -19.81 -6.14 -10.28
C ILE B 66 -20.99 -5.46 -9.53
N PRO B 67 -22.16 -6.13 -9.43
CA PRO B 67 -23.36 -5.46 -8.87
C PRO B 67 -23.60 -5.84 -7.42
N VAL B 68 -23.42 -4.87 -6.55
CA VAL B 68 -23.49 -5.03 -5.12
C VAL B 68 -24.94 -4.59 -4.71
N LEU B 69 -25.77 -5.59 -4.44
CA LEU B 69 -27.14 -5.36 -4.02
C LEU B 69 -27.23 -5.13 -2.50
N GLN B 70 -27.63 -3.94 -2.14
CA GLN B 70 -27.59 -3.47 -0.77
C GLN B 70 -29.03 -3.32 -0.29
N ARG B 71 -29.48 -4.16 0.62
CA ARG B 71 -30.77 -4.00 1.21
C ARG B 71 -30.59 -3.93 2.72
N THR B 72 -31.24 -2.96 3.34
CA THR B 72 -31.12 -2.90 4.78
C THR B 72 -31.68 -4.15 5.49
N LEU B 73 -31.01 -4.53 6.60
CA LEU B 73 -31.28 -5.73 7.38
C LEU B 73 -31.11 -7.07 6.66
N HIS B 74 -30.34 -7.06 5.56
CA HIS B 74 -30.01 -8.24 4.76
C HIS B 74 -28.56 -8.25 4.54
N TYR B 75 -28.03 -9.43 4.23
CA TYR B 75 -26.65 -9.46 3.73
C TYR B 75 -26.54 -8.76 2.41
N GLU B 76 -25.42 -8.11 2.21
CA GLU B 76 -25.08 -7.56 0.93
C GLU B 76 -24.84 -8.76 -0.01
N CYS B 77 -25.38 -8.66 -1.21
CA CYS B 77 -25.28 -9.70 -2.22
C CYS B 77 -24.51 -9.16 -3.45
N ILE B 78 -23.89 -10.09 -4.17
CA ILE B 78 -23.39 -9.84 -5.48
C ILE B 78 -24.34 -10.48 -6.44
N VAL B 79 -24.78 -9.73 -7.43
CA VAL B 79 -25.79 -10.23 -8.36
C VAL B 79 -25.10 -10.85 -9.60
N LEU B 80 -25.35 -12.10 -9.87
CA LEU B 80 -24.76 -12.78 -11.01
C LEU B 80 -25.85 -13.28 -11.95
N VAL B 81 -25.41 -13.68 -13.11
CA VAL B 81 -26.26 -14.18 -14.12
C VAL B 81 -25.81 -15.56 -14.59
N LYS B 82 -26.77 -16.39 -14.93
CA LYS B 82 -26.55 -17.74 -15.44
C LYS B 82 -27.17 -17.81 -16.85
N GLN B 83 -26.39 -18.27 -17.82
CA GLN B 83 -26.80 -18.25 -19.26
C GLN B 83 -26.18 -19.44 -19.91
N PHE B 84 -26.82 -19.93 -20.97
CA PHE B 84 -26.24 -21.00 -21.77
C PHE B 84 -25.19 -20.29 -22.60
N ARG B 85 -23.98 -20.86 -22.65
CA ARG B 85 -22.90 -20.24 -23.45
C ARG B 85 -22.48 -21.20 -24.53
N PRO B 86 -22.88 -20.93 -25.76
CA PRO B 86 -22.59 -21.96 -26.81
C PRO B 86 -21.09 -22.33 -26.97
N PRO B 87 -20.14 -21.39 -26.81
CA PRO B 87 -18.76 -21.89 -26.90
C PRO B 87 -18.40 -22.84 -25.79
N MET B 88 -19.05 -22.74 -24.62
CA MET B 88 -18.76 -23.66 -23.52
C MET B 88 -19.56 -24.97 -23.61
N GLY B 89 -20.61 -25.02 -24.42
CA GLY B 89 -21.52 -26.19 -24.45
C GLY B 89 -22.37 -26.34 -23.22
N GLY B 90 -22.50 -25.27 -22.42
CA GLY B 90 -23.19 -25.41 -21.13
C GLY B 90 -23.49 -24.09 -20.47
N TYR B 91 -23.97 -24.16 -19.26
CA TYR B 91 -24.42 -23.00 -18.50
C TYR B 91 -23.24 -22.49 -17.66
N CYS B 92 -23.13 -21.18 -17.63
CA CYS B 92 -22.10 -20.46 -16.90
C CYS B 92 -22.68 -19.43 -15.98
N ILE B 93 -21.96 -19.17 -14.90
CA ILE B 93 -22.33 -18.19 -13.90
C ILE B 93 -21.30 -17.08 -14.02
N GLU B 94 -21.77 -15.87 -14.28
CA GLU B 94 -20.93 -14.72 -14.69
C GLU B 94 -21.40 -13.41 -14.06
N PHE B 95 -20.54 -12.42 -13.99
CA PHE B 95 -20.99 -11.03 -13.76
C PHE B 95 -21.86 -10.62 -14.93
N PRO B 96 -22.89 -9.81 -14.70
CA PRO B 96 -23.60 -9.24 -15.89
C PRO B 96 -22.60 -8.49 -16.77
N ALA B 97 -22.81 -8.60 -18.09
CA ALA B 97 -21.86 -8.21 -19.04
C ALA B 97 -22.40 -8.18 -20.45
N GLY B 98 -21.82 -7.25 -21.18
CA GLY B 98 -21.98 -7.19 -22.63
C GLY B 98 -21.00 -6.29 -23.31
N LEU B 99 -21.05 -6.31 -24.67
CA LEU B 99 -20.20 -5.42 -25.47
C LEU B 99 -20.68 -3.98 -25.38
N ILE B 100 -19.74 -3.04 -25.46
CA ILE B 100 -20.00 -1.61 -25.43
C ILE B 100 -20.46 -1.21 -26.87
N ASP B 101 -21.62 -0.58 -26.96
CA ASP B 101 -22.15 -0.10 -28.28
C ASP B 101 -21.28 1.02 -28.82
N ASP B 102 -21.17 1.12 -30.16
CA ASP B 102 -20.42 2.23 -30.79
C ASP B 102 -20.94 3.57 -30.19
N GLY B 103 -20.04 4.41 -29.68
CA GLY B 103 -20.42 5.69 -29.06
C GLY B 103 -21.02 5.64 -27.66
N GLU B 104 -20.93 4.48 -27.01
CA GLU B 104 -21.38 4.31 -25.61
C GLU B 104 -20.13 4.39 -24.74
N THR B 105 -20.26 5.03 -23.59
CA THR B 105 -19.19 5.01 -22.59
C THR B 105 -19.27 3.69 -21.79
N PRO B 106 -18.14 3.27 -21.18
CA PRO B 106 -18.21 2.00 -20.38
C PRO B 106 -19.23 2.09 -19.23
N GLU B 107 -19.31 3.24 -18.60
CA GLU B 107 -20.28 3.44 -17.52
C GLU B 107 -21.72 3.24 -17.96
N ALA B 108 -22.06 3.78 -19.11
CA ALA B 108 -23.39 3.69 -19.61
C ALA B 108 -23.65 2.32 -20.07
N ALA B 109 -22.64 1.64 -20.66
CA ALA B 109 -22.79 0.24 -21.04
C ALA B 109 -23.11 -0.64 -19.85
N ALA B 110 -22.44 -0.33 -18.75
CA ALA B 110 -22.60 -1.07 -17.47
C ALA B 110 -23.97 -0.97 -16.90
N LEU B 111 -24.48 0.28 -16.76
CA LEU B 111 -25.85 0.42 -16.28
C LEU B 111 -26.88 -0.18 -17.19
N ARG B 112 -26.65 -0.05 -18.51
CA ARG B 112 -27.58 -0.58 -19.46
C ARG B 112 -27.61 -2.09 -19.42
N GLU B 113 -26.40 -2.72 -19.50
CA GLU B 113 -26.39 -4.21 -19.43
C GLU B 113 -26.95 -4.78 -18.13
N LEU B 114 -26.63 -4.13 -17.03
CA LEU B 114 -27.16 -4.54 -15.73
C LEU B 114 -28.65 -4.50 -15.73
N GLU B 115 -29.21 -3.42 -16.21
CA GLU B 115 -30.68 -3.36 -16.33
C GLU B 115 -31.28 -4.37 -17.25
N GLU B 116 -30.69 -4.54 -18.43
CA GLU B 116 -31.21 -5.56 -19.36
C GLU B 116 -31.14 -6.99 -18.85
N GLU B 117 -30.00 -7.33 -18.23
CA GLU B 117 -29.77 -8.69 -17.77
C GLU B 117 -30.41 -9.03 -16.43
N THR B 118 -30.51 -8.03 -15.55
CA THR B 118 -31.02 -8.26 -14.18
C THR B 118 -32.35 -7.52 -13.83
N GLY B 119 -32.66 -6.46 -14.59
CA GLY B 119 -33.71 -5.55 -14.23
C GLY B 119 -33.33 -4.55 -13.16
N TYR B 120 -32.16 -4.68 -12.48
CA TYR B 120 -31.76 -3.67 -11.50
C TYR B 120 -31.20 -2.40 -12.08
N LYS B 121 -31.45 -1.30 -11.36
CA LYS B 121 -31.00 0.04 -11.66
C LYS B 121 -30.01 0.46 -10.67
N GLY B 122 -28.82 0.74 -11.13
CA GLY B 122 -27.71 0.80 -10.22
C GLY B 122 -27.06 2.14 -10.33
N ASP B 123 -26.14 2.39 -9.43
CA ASP B 123 -25.29 3.57 -9.41
C ASP B 123 -23.84 3.17 -9.59
N ILE B 124 -23.11 3.89 -10.44
CA ILE B 124 -21.70 3.63 -10.62
C ILE B 124 -20.88 3.94 -9.37
N ALA B 125 -20.00 3.01 -8.95
CA ALA B 125 -19.08 3.27 -7.86
C ALA B 125 -17.68 3.53 -8.35
N GLU B 126 -17.18 2.68 -9.25
CA GLU B 126 -15.87 2.87 -9.81
C GLU B 126 -15.80 2.07 -11.12
N CYS B 127 -14.77 2.37 -11.92
CA CYS B 127 -14.62 1.83 -13.26
C CYS B 127 -13.17 1.54 -13.48
N SER B 128 -12.85 0.29 -13.83
CA SER B 128 -11.44 0.00 -14.13
C SER B 128 -10.94 0.59 -15.47
N PRO B 129 -9.64 0.67 -15.66
CA PRO B 129 -9.11 0.71 -17.04
C PRO B 129 -9.40 -0.55 -17.82
N ALA B 130 -9.09 -0.49 -19.12
CA ALA B 130 -9.30 -1.71 -19.95
C ALA B 130 -8.41 -2.81 -19.38
N VAL B 131 -9.00 -3.98 -19.12
CA VAL B 131 -8.27 -5.16 -18.61
C VAL B 131 -8.44 -6.35 -19.55
N CYS B 132 -7.41 -7.17 -19.69
CA CYS B 132 -7.46 -8.23 -20.70
C CYS B 132 -8.13 -9.52 -20.21
N MET B 133 -8.89 -10.14 -21.10
CA MET B 133 -9.61 -11.33 -20.79
C MET B 133 -8.81 -12.66 -20.82
N ASP B 134 -7.98 -12.87 -21.86
CA ASP B 134 -7.21 -14.06 -21.98
C ASP B 134 -6.02 -13.71 -22.91
N PRO B 135 -4.98 -13.05 -22.37
CA PRO B 135 -4.10 -12.30 -23.30
C PRO B 135 -3.16 -13.24 -24.09
N GLY B 136 -3.05 -14.53 -23.66
CA GLY B 136 -2.33 -15.53 -24.42
C GLY B 136 -3.10 -16.02 -25.64
N LEU B 137 -4.39 -15.74 -25.66
CA LEU B 137 -5.24 -16.20 -26.75
C LEU B 137 -5.76 -15.08 -27.60
N SER B 138 -6.22 -13.99 -27.00
CA SER B 138 -6.99 -12.94 -27.69
C SER B 138 -6.61 -11.56 -27.28
N ASN B 139 -7.06 -10.59 -28.06
CA ASN B 139 -6.91 -9.21 -27.64
C ASN B 139 -8.07 -8.67 -26.83
N CYS B 140 -9.00 -9.54 -26.40
CA CYS B 140 -10.24 -9.09 -25.81
C CYS B 140 -10.00 -8.36 -24.50
N THR B 141 -10.71 -7.24 -24.35
CA THR B 141 -10.66 -6.44 -23.16
C THR B 141 -12.06 -5.97 -22.69
N ILE B 142 -12.17 -5.73 -21.38
CA ILE B 142 -13.38 -5.19 -20.76
C ILE B 142 -13.01 -4.11 -19.81
N HIS B 143 -14.00 -3.28 -19.48
CA HIS B 143 -13.93 -2.51 -18.23
C HIS B 143 -14.76 -3.22 -17.17
N ILE B 144 -14.16 -3.42 -15.99
CA ILE B 144 -14.87 -3.94 -14.85
C ILE B 144 -15.50 -2.71 -14.11
N VAL B 145 -16.81 -2.74 -13.95
CA VAL B 145 -17.52 -1.59 -13.42
C VAL B 145 -18.25 -2.07 -12.17
N THR B 146 -17.87 -1.46 -11.05
CA THR B 146 -18.48 -1.70 -9.76
C THR B 146 -19.64 -0.77 -9.66
N VAL B 147 -20.80 -1.35 -9.34
CA VAL B 147 -22.07 -0.65 -9.28
C VAL B 147 -22.77 -1.07 -8.01
N THR B 148 -23.31 -0.12 -7.25
CA THR B 148 -24.14 -0.52 -6.09
C THR B 148 -25.61 -0.45 -6.48
N ILE B 149 -26.42 -1.29 -5.89
CA ILE B 149 -27.82 -1.26 -6.20
C ILE B 149 -28.56 -1.01 -4.88
N ASN B 150 -29.35 0.06 -4.83
CA ASN B 150 -30.18 0.30 -3.65
C ASN B 150 -31.41 -0.53 -3.75
N GLY B 151 -31.36 -1.71 -3.14
CA GLY B 151 -32.39 -2.72 -3.25
C GLY B 151 -33.69 -2.33 -2.47
N ASP B 152 -33.65 -1.25 -1.70
CA ASP B 152 -34.83 -0.78 -0.93
C ASP B 152 -35.62 0.28 -1.70
N ASP B 153 -35.05 0.83 -2.79
CA ASP B 153 -35.74 1.83 -3.65
C ASP B 153 -36.80 1.14 -4.44
N ALA B 154 -37.88 1.89 -4.73
CA ALA B 154 -39.02 1.32 -5.37
C ALA B 154 -38.70 0.82 -6.79
N GLU B 155 -37.74 1.46 -7.47
CA GLU B 155 -37.44 1.05 -8.86
C GLU B 155 -36.81 -0.39 -8.91
N ASN B 156 -36.26 -0.87 -7.79
CA ASN B 156 -35.59 -2.17 -7.70
C ASN B 156 -36.43 -3.14 -6.90
N ALA B 157 -37.68 -2.78 -6.58
CA ALA B 157 -38.55 -3.69 -5.85
C ALA B 157 -38.89 -4.93 -6.65
N ARG B 158 -39.37 -4.72 -7.86
CA ARG B 158 -39.73 -5.80 -8.81
C ARG B 158 -38.88 -5.58 -10.06
N PRO B 159 -37.61 -6.05 -10.04
CA PRO B 159 -36.71 -5.70 -11.15
C PRO B 159 -37.12 -6.35 -12.51
N LYS B 160 -37.38 -5.53 -13.53
CA LYS B 160 -37.78 -6.00 -14.88
C LYS B 160 -36.58 -6.31 -15.84
N PRO B 161 -36.15 -7.60 -15.99
CA PRO B 161 -35.07 -7.86 -16.98
C PRO B 161 -35.56 -7.79 -18.43
N LYS B 162 -34.88 -7.01 -19.27
CA LYS B 162 -35.23 -6.83 -20.68
C LYS B 162 -34.25 -7.59 -21.60
N PRO B 163 -34.44 -8.90 -21.76
CA PRO B 163 -33.60 -9.64 -22.71
C PRO B 163 -33.72 -9.12 -24.14
N GLY B 164 -32.60 -8.71 -24.74
CA GLY B 164 -32.53 -8.47 -26.19
C GLY B 164 -32.82 -9.75 -26.97
N ASP B 165 -32.85 -9.65 -28.30
CA ASP B 165 -33.19 -10.83 -29.11
C ASP B 165 -32.23 -12.01 -28.78
N GLY B 166 -32.84 -13.13 -28.40
CA GLY B 166 -32.17 -14.36 -27.95
C GLY B 166 -31.13 -14.37 -26.81
N GLU B 167 -31.18 -13.39 -25.91
CA GLU B 167 -30.58 -13.57 -24.61
C GLU B 167 -31.62 -14.25 -23.73
N PHE B 168 -31.14 -15.04 -22.77
CA PHE B 168 -31.99 -15.85 -21.90
C PHE B 168 -31.22 -16.02 -20.57
N VAL B 169 -31.52 -15.15 -19.63
CA VAL B 169 -30.67 -14.86 -18.47
C VAL B 169 -31.41 -15.15 -17.17
N GLU B 170 -30.86 -16.01 -16.31
CA GLU B 170 -31.33 -16.26 -14.94
C GLU B 170 -30.51 -15.39 -14.01
N VAL B 171 -31.15 -14.79 -13.01
CA VAL B 171 -30.44 -13.92 -12.10
C VAL B 171 -30.16 -14.76 -10.86
N ILE B 172 -28.94 -14.70 -10.32
CA ILE B 172 -28.60 -15.46 -9.11
C ILE B 172 -27.88 -14.47 -8.20
N SER B 173 -28.52 -14.13 -7.06
CA SER B 173 -27.90 -13.27 -6.09
C SER B 173 -27.35 -14.04 -4.95
N LEU B 174 -26.10 -13.80 -4.62
CA LEU B 174 -25.41 -14.55 -3.61
C LEU B 174 -24.82 -13.64 -2.61
N PRO B 175 -24.83 -14.06 -1.32
CA PRO B 175 -24.26 -13.14 -0.34
C PRO B 175 -22.76 -12.91 -0.52
N LYS B 176 -22.33 -11.64 -0.51
CA LYS B 176 -20.92 -11.27 -0.65
C LYS B 176 -20.01 -11.95 0.42
N ASN B 177 -20.46 -11.98 1.68
CA ASN B 177 -19.63 -12.51 2.77
C ASN B 177 -19.45 -14.05 2.77
N ASP B 178 -20.16 -14.78 1.89
CA ASP B 178 -19.96 -16.24 1.77
C ASP B 178 -19.79 -16.65 0.28
N LEU B 179 -19.37 -15.70 -0.57
CA LEU B 179 -19.53 -15.91 -2.04
C LEU B 179 -18.82 -17.16 -2.54
N LEU B 180 -17.56 -17.35 -2.16
CA LEU B 180 -16.83 -18.51 -2.63
C LEU B 180 -17.49 -19.86 -2.30
N GLN B 181 -17.91 -20.03 -1.03
CA GLN B 181 -18.63 -21.28 -0.65
C GLN B 181 -19.96 -21.45 -1.36
N ARG B 182 -20.69 -20.37 -1.59
CA ARG B 182 -21.93 -20.48 -2.34
C ARG B 182 -21.71 -20.87 -3.81
N LEU B 183 -20.65 -20.31 -4.44
CA LEU B 183 -20.36 -20.69 -5.80
C LEU B 183 -19.93 -22.15 -5.92
N ASP B 184 -19.05 -22.56 -5.02
CA ASP B 184 -18.64 -24.01 -4.95
C ASP B 184 -19.87 -24.92 -4.82
N ALA B 185 -20.82 -24.49 -4.01
CA ALA B 185 -22.06 -25.24 -3.83
C ALA B 185 -22.86 -25.37 -5.13
N LEU B 186 -22.98 -24.26 -5.85
CA LEU B 186 -23.67 -24.33 -7.13
C LEU B 186 -22.97 -25.27 -8.12
N VAL B 187 -21.65 -25.19 -8.21
CA VAL B 187 -20.87 -26.07 -9.07
C VAL B 187 -21.06 -27.56 -8.69
N ALA B 188 -21.15 -27.87 -7.39
CA ALA B 188 -21.32 -29.24 -6.93
C ALA B 188 -22.75 -29.78 -7.18
N GLU B 189 -23.75 -28.93 -7.08
CA GLU B 189 -25.12 -29.41 -7.22
C GLU B 189 -25.62 -29.35 -8.67
N GLU B 190 -25.16 -28.36 -9.45
CA GLU B 190 -25.91 -27.90 -10.64
C GLU B 190 -25.20 -28.10 -12.01
N HIS B 191 -24.06 -28.82 -12.06
CA HIS B 191 -23.14 -28.90 -13.25
C HIS B 191 -23.06 -27.64 -14.16
N LEU B 192 -22.45 -26.63 -13.59
CA LEU B 192 -22.34 -25.27 -14.05
C LEU B 192 -20.84 -24.91 -14.08
N THR B 193 -20.46 -23.91 -14.87
CA THR B 193 -19.10 -23.38 -14.86
C THR B 193 -19.12 -21.94 -14.36
N VAL B 194 -18.38 -21.70 -13.29
CA VAL B 194 -18.21 -20.37 -12.81
C VAL B 194 -17.15 -19.66 -13.66
N ASP B 195 -17.41 -18.41 -13.98
CA ASP B 195 -16.48 -17.52 -14.59
C ASP B 195 -15.25 -17.18 -13.80
N ALA B 196 -14.08 -17.10 -14.47
CA ALA B 196 -12.82 -16.91 -13.75
C ALA B 196 -12.66 -15.58 -13.02
N ARG B 197 -13.27 -14.52 -13.58
CA ARG B 197 -13.30 -13.24 -12.89
C ARG B 197 -14.21 -13.27 -11.63
N VAL B 198 -15.35 -13.90 -11.74
CA VAL B 198 -16.21 -14.17 -10.61
C VAL B 198 -15.46 -14.95 -9.52
N TYR B 199 -14.85 -16.05 -9.92
CA TYR B 199 -14.11 -16.90 -8.99
C TYR B 199 -12.94 -16.16 -8.34
N SER B 200 -12.20 -15.38 -9.09
CA SER B 200 -11.14 -14.60 -8.54
C SER B 200 -11.55 -13.58 -7.49
N TYR B 201 -12.60 -12.85 -7.80
CA TYR B 201 -13.24 -11.89 -6.84
C TYR B 201 -13.62 -12.62 -5.57
N ALA B 202 -14.33 -13.73 -5.71
CA ALA B 202 -14.73 -14.54 -4.56
C ALA B 202 -13.57 -15.06 -3.72
N LEU B 203 -12.50 -15.53 -4.38
CA LEU B 203 -11.33 -15.92 -3.64
C LEU B 203 -10.76 -14.79 -2.84
N ALA B 204 -10.57 -13.65 -3.47
CA ALA B 204 -9.96 -12.51 -2.76
C ALA B 204 -10.85 -12.00 -1.60
N LEU B 205 -12.15 -12.17 -1.69
CA LEU B 205 -13.03 -11.82 -0.50
C LEU B 205 -12.64 -12.69 0.68
N LYS B 206 -12.42 -13.96 0.41
CA LYS B 206 -11.91 -14.89 1.47
C LYS B 206 -10.50 -14.60 1.90
N HIS B 207 -9.61 -14.33 0.96
CA HIS B 207 -8.21 -14.14 1.26
C HIS B 207 -7.88 -12.76 1.98
N ALA B 208 -8.79 -11.81 1.90
CA ALA B 208 -8.53 -10.48 2.46
C ALA B 208 -8.29 -10.54 3.98
N ASN B 209 -7.42 -9.61 4.37
CA ASN B 209 -7.17 -9.07 5.71
C ASN B 209 -6.15 -9.98 6.37
N GLN C 16 12.48 -11.02 17.73
CA GLN C 16 12.03 -10.42 19.04
C GLN C 16 10.54 -10.11 19.06
N TYR C 17 9.93 -10.12 20.25
CA TYR C 17 8.50 -9.88 20.38
C TYR C 17 8.11 -9.61 21.81
N ILE C 18 6.89 -9.09 21.94
CA ILE C 18 6.37 -8.66 23.21
C ILE C 18 5.72 -9.85 23.85
N ILE C 19 6.12 -10.13 25.10
CA ILE C 19 5.45 -11.16 25.93
C ILE C 19 4.22 -10.58 26.69
N SER C 20 4.37 -9.42 27.33
CA SER C 20 3.32 -8.91 28.23
C SER C 20 3.54 -7.45 28.61
N GLU C 21 2.42 -6.75 28.84
CA GLU C 21 2.38 -5.31 29.15
C GLU C 21 1.70 -5.08 30.50
N GLU C 22 2.51 -4.88 31.55
CA GLU C 22 2.04 -4.77 32.94
C GLU C 22 1.81 -3.31 33.32
N LEU C 23 0.56 -2.99 33.69
CA LEU C 23 0.16 -1.61 34.00
C LEU C 23 0.63 -1.05 35.37
N ILE C 24 1.67 -0.20 35.37
CA ILE C 24 2.26 0.40 36.58
C ILE C 24 1.58 1.65 37.12
N SER C 25 0.93 2.44 36.26
CA SER C 25 0.15 3.61 36.69
C SER C 25 -0.60 4.22 35.49
N GLU C 26 -1.83 4.67 35.71
CA GLU C 26 -2.65 5.24 34.64
C GLU C 26 -3.26 6.54 35.11
N GLY C 27 -2.97 7.61 34.37
CA GLY C 27 -3.59 8.92 34.61
C GLY C 27 -4.62 8.93 33.54
N LYS C 28 -5.33 10.04 33.41
CA LYS C 28 -6.35 10.16 32.34
C LYS C 28 -5.82 10.52 30.93
N TRP C 29 -4.55 10.91 30.82
CA TRP C 29 -3.92 11.21 29.51
C TRP C 29 -2.79 10.26 29.12
N VAL C 30 -2.08 9.73 30.12
CA VAL C 30 -0.87 8.92 29.87
C VAL C 30 -0.84 7.75 30.87
N LYS C 31 -0.11 6.68 30.53
CA LYS C 31 0.12 5.58 31.47
C LYS C 31 1.50 4.98 31.33
N LEU C 32 2.03 4.49 32.45
CA LEU C 32 3.33 3.87 32.50
C LEU C 32 3.09 2.35 32.44
N GLU C 33 4.01 1.61 31.81
CA GLU C 33 3.95 0.12 31.81
C GLU C 33 5.29 -0.59 31.98
N LYS C 34 5.21 -1.81 32.52
CA LYS C 34 6.32 -2.75 32.48
C LYS C 34 6.06 -3.56 31.22
N THR C 35 7.08 -3.69 30.37
CA THR C 35 6.97 -4.41 29.11
C THR C 35 7.98 -5.54 29.14
N THR C 36 7.54 -6.77 28.92
CA THR C 36 8.43 -7.93 28.94
C THR C 36 8.51 -8.50 27.55
N TYR C 37 9.71 -8.84 27.11
CA TYR C 37 9.96 -9.04 25.69
C TYR C 37 11.06 -10.10 25.55
N MET C 38 11.03 -10.90 24.49
CA MET C 38 12.11 -11.85 24.21
C MET C 38 13.16 -11.18 23.36
N ASP C 39 14.41 -11.15 23.82
CA ASP C 39 15.50 -10.66 23.02
C ASP C 39 15.77 -11.64 21.93
N PRO C 40 16.69 -11.28 21.03
CA PRO C 40 17.11 -12.03 19.85
C PRO C 40 17.82 -13.38 20.20
N THR C 41 18.61 -13.39 21.28
CA THR C 41 19.32 -14.61 21.73
C THR C 41 18.41 -15.64 22.44
N GLY C 42 17.21 -15.27 22.90
CA GLY C 42 16.33 -16.14 23.72
C GLY C 42 15.99 -15.62 25.11
N LYS C 43 16.83 -14.73 25.67
CA LYS C 43 16.61 -14.14 27.00
C LYS C 43 15.40 -13.21 27.01
N THR C 44 14.42 -13.59 27.84
CA THR C 44 13.38 -12.69 28.36
C THR C 44 14.04 -11.45 29.04
N ARG C 45 13.58 -10.22 28.71
CA ARG C 45 14.09 -8.99 29.36
C ARG C 45 12.95 -8.04 29.59
N THR C 46 13.27 -6.86 30.14
CA THR C 46 12.22 -5.94 30.50
C THR C 46 12.57 -4.43 30.21
N TRP C 47 11.52 -3.63 30.22
CA TRP C 47 11.54 -2.19 29.74
C TRP C 47 10.35 -1.40 30.32
N GLU C 48 10.58 -0.17 30.80
CA GLU C 48 9.47 0.75 31.23
C GLU C 48 8.96 1.58 30.00
N SER C 49 7.71 1.41 29.66
CA SER C 49 7.09 1.92 28.40
C SER C 49 6.00 2.90 28.77
N VAL C 50 5.93 4.01 28.04
CA VAL C 50 4.90 4.98 28.21
C VAL C 50 3.95 4.88 27.04
N LYS C 51 2.66 5.14 27.28
CA LYS C 51 1.63 5.11 26.25
C LYS C 51 0.55 6.15 26.60
N ARG C 52 0.02 6.88 25.61
CA ARG C 52 -1.12 7.81 25.86
C ARG C 52 -2.38 7.00 26.02
N THR C 53 -3.43 7.60 26.60
CA THR C 53 -4.69 6.88 26.87
C THR C 53 -5.81 7.23 25.92
N THR C 54 -5.57 8.21 25.06
CA THR C 54 -6.57 8.84 24.19
C THR C 54 -6.75 8.20 22.78
N ARG C 55 -5.89 7.26 22.40
CA ARG C 55 -5.91 6.67 21.05
C ARG C 55 -7.07 5.67 20.90
N LYS C 56 -7.53 5.52 19.66
CA LYS C 56 -8.61 4.55 19.29
C LYS C 56 -8.18 3.77 18.04
N GLN C 58 -7.64 5.61 15.45
CA GLN C 58 -6.80 6.58 14.77
C GLN C 58 -5.55 5.88 14.24
N THR C 59 -5.04 6.35 13.07
CA THR C 59 -3.76 5.88 12.46
C THR C 59 -2.51 6.17 13.34
N ALA C 60 -2.64 7.14 14.23
CA ALA C 60 -1.57 7.59 15.05
C ALA C 60 -2.17 8.44 16.14
N ASP C 61 -1.39 8.76 17.14
CA ASP C 61 -1.89 9.64 18.19
C ASP C 61 -2.23 11.00 17.61
N GLY C 62 -1.28 11.50 16.79
CA GLY C 62 -1.40 12.94 16.40
C GLY C 62 -0.97 13.27 14.99
N VAL C 63 -0.99 14.55 14.71
CA VAL C 63 -0.35 15.01 13.47
C VAL C 63 0.56 16.22 13.77
N ALA C 64 1.59 16.36 12.96
CA ALA C 64 2.46 17.57 12.99
C ALA C 64 2.40 18.09 11.59
N VAL C 65 2.36 19.41 11.46
CA VAL C 65 2.09 19.99 10.17
C VAL C 65 3.34 20.73 9.81
N ILE C 66 3.91 20.43 8.64
CA ILE C 66 4.97 21.23 8.04
C ILE C 66 4.34 22.27 7.05
N PRO C 67 4.17 23.55 7.50
CA PRO C 67 3.37 24.49 6.76
C PRO C 67 4.27 25.47 6.02
N VAL C 68 4.20 25.32 4.73
CA VAL C 68 5.13 26.02 3.85
C VAL C 68 4.31 27.17 3.28
N LEU C 69 4.72 28.34 3.71
CA LEU C 69 4.06 29.60 3.30
C LEU C 69 4.71 30.06 2.01
N GLN C 70 3.90 30.08 0.95
CA GLN C 70 4.31 30.33 -0.43
C GLN C 70 3.71 31.64 -0.86
N ARG C 71 4.56 32.50 -1.40
CA ARG C 71 4.12 33.86 -1.83
C ARG C 71 4.85 34.21 -3.10
N THR C 72 4.18 34.90 -4.03
CA THR C 72 4.80 35.15 -5.34
C THR C 72 6.09 35.91 -5.24
N LEU C 73 6.15 36.83 -4.30
CA LEU C 73 7.31 37.73 -4.20
C LEU C 73 8.44 37.33 -3.30
N HIS C 74 8.30 36.19 -2.60
CA HIS C 74 9.21 35.88 -1.50
C HIS C 74 9.68 34.44 -1.55
N TYR C 75 10.79 34.20 -0.91
CA TYR C 75 11.22 32.82 -0.62
C TYR C 75 10.22 32.21 0.33
N GLU C 76 10.15 30.87 0.35
CA GLU C 76 9.17 30.20 1.21
C GLU C 76 9.53 30.41 2.65
N CYS C 77 8.50 30.42 3.51
CA CYS C 77 8.73 30.33 4.94
C CYS C 77 8.16 29.06 5.49
N ILE C 78 8.68 28.69 6.65
CA ILE C 78 8.13 27.57 7.41
C ILE C 78 7.41 28.20 8.62
N VAL C 79 6.13 27.84 8.83
CA VAL C 79 5.33 28.47 9.90
C VAL C 79 5.43 27.58 11.10
N LEU C 80 5.90 28.12 12.21
CA LEU C 80 6.10 27.34 13.43
C LEU C 80 5.25 28.04 14.57
N VAL C 81 5.07 27.33 15.66
CA VAL C 81 4.37 27.86 16.82
C VAL C 81 5.22 27.81 18.05
N LYS C 82 5.02 28.81 18.93
CA LYS C 82 5.67 28.83 20.22
C LYS C 82 4.58 28.81 21.30
N GLN C 83 4.80 27.91 22.26
CA GLN C 83 3.88 27.72 23.35
C GLN C 83 4.60 27.24 24.57
N PHE C 84 4.02 27.58 25.72
CA PHE C 84 4.47 27.03 26.97
C PHE C 84 4.04 25.56 27.04
N ARG C 85 4.99 24.72 27.34
CA ARG C 85 4.77 23.27 27.44
C ARG C 85 5.08 22.89 28.89
N PRO C 86 4.01 22.53 29.65
CA PRO C 86 4.25 22.12 31.07
C PRO C 86 5.25 21.02 31.36
N PRO C 87 5.29 19.91 30.56
CA PRO C 87 6.28 18.91 30.83
C PRO C 87 7.72 19.44 30.74
N MET C 88 7.98 20.41 29.86
CA MET C 88 9.30 21.02 29.71
C MET C 88 9.55 22.18 30.67
N GLY C 89 8.52 22.74 31.28
CA GLY C 89 8.64 23.91 32.14
C GLY C 89 9.08 25.17 31.45
N GLY C 90 8.78 25.27 30.17
CA GLY C 90 9.21 26.40 29.37
C GLY C 90 8.59 26.36 28.01
N TYR C 91 8.98 27.35 27.22
CA TYR C 91 8.44 27.59 25.91
C TYR C 91 9.19 26.77 24.91
N CYS C 92 8.43 26.26 23.95
CA CYS C 92 9.00 25.44 22.88
C CYS C 92 8.58 25.95 21.54
N ILE C 93 9.46 25.71 20.54
CA ILE C 93 9.20 26.06 19.19
C ILE C 93 8.98 24.74 18.40
N GLU C 94 7.85 24.64 17.74
CA GLU C 94 7.38 23.35 17.14
C GLU C 94 6.63 23.58 15.86
N PHE C 95 6.47 22.50 15.07
CA PHE C 95 5.45 22.52 14.02
C PHE C 95 4.06 22.59 14.71
N PRO C 96 3.12 23.27 14.10
CA PRO C 96 1.70 23.16 14.49
C PRO C 96 1.31 21.67 14.55
N ALA C 97 0.57 21.29 15.59
CA ALA C 97 0.30 19.93 15.87
C ALA C 97 -0.88 19.75 16.80
N GLY C 98 -1.50 18.57 16.73
CA GLY C 98 -2.48 18.18 17.71
C GLY C 98 -2.85 16.71 17.56
N LEU C 99 -3.66 16.22 18.49
CA LEU C 99 -4.16 14.83 18.43
C LEU C 99 -5.22 14.74 17.36
N ILE C 100 -5.27 13.61 16.64
CA ILE C 100 -6.32 13.38 15.67
C ILE C 100 -7.66 13.05 16.41
N ASP C 101 -8.71 13.86 16.25
CA ASP C 101 -10.03 13.60 16.85
C ASP C 101 -10.60 12.29 16.36
N ASP C 102 -11.50 11.70 17.16
CA ASP C 102 -12.26 10.50 16.75
C ASP C 102 -13.03 10.72 15.43
N GLY C 103 -12.75 9.88 14.43
CA GLY C 103 -13.47 9.93 13.13
C GLY C 103 -12.75 10.74 12.05
N GLU C 104 -11.71 11.47 12.45
CA GLU C 104 -10.99 12.43 11.63
C GLU C 104 -9.87 11.77 10.86
N THR C 105 -9.71 12.11 9.61
CA THR C 105 -8.50 11.75 8.90
C THR C 105 -7.22 12.56 9.41
N PRO C 106 -6.03 11.99 9.24
CA PRO C 106 -4.86 12.80 9.57
C PRO C 106 -4.85 14.09 8.75
N GLU C 107 -5.28 14.00 7.46
CA GLU C 107 -5.28 15.19 6.63
C GLU C 107 -6.20 16.29 7.15
N ALA C 108 -7.37 15.93 7.66
CA ALA C 108 -8.35 16.92 8.07
C ALA C 108 -7.88 17.52 9.42
N ALA C 109 -7.33 16.66 10.27
CA ALA C 109 -6.70 17.06 11.52
C ALA C 109 -5.58 18.11 11.26
N ALA C 110 -4.80 17.88 10.21
CA ALA C 110 -3.71 18.74 9.90
C ALA C 110 -4.19 20.13 9.52
N LEU C 111 -5.17 20.20 8.61
CA LEU C 111 -5.75 21.49 8.20
C LEU C 111 -6.48 22.19 9.35
N ARG C 112 -7.21 21.42 10.15
CA ARG C 112 -7.87 21.96 11.34
C ARG C 112 -6.86 22.53 12.37
N GLU C 113 -5.90 21.72 12.77
CA GLU C 113 -4.91 22.17 13.77
C GLU C 113 -4.10 23.35 13.21
N LEU C 114 -3.80 23.30 11.89
CA LEU C 114 -3.07 24.46 11.29
C LEU C 114 -3.88 25.75 11.41
N GLU C 115 -5.17 25.68 11.03
CA GLU C 115 -6.01 26.87 11.06
C GLU C 115 -6.17 27.40 12.50
N GLU C 116 -6.45 26.51 13.44
CA GLU C 116 -6.62 26.87 14.85
C GLU C 116 -5.39 27.56 15.48
N GLU C 117 -4.21 27.04 15.17
CA GLU C 117 -3.02 27.41 15.86
C GLU C 117 -2.32 28.60 15.18
N THR C 118 -2.57 28.78 13.91
CA THR C 118 -1.93 29.84 13.14
C THR C 118 -2.86 30.81 12.41
N GLY C 119 -4.13 30.46 12.16
CA GLY C 119 -5.04 31.19 11.26
C GLY C 119 -4.87 30.93 9.76
N TYR C 120 -3.80 30.23 9.33
CA TYR C 120 -3.68 29.94 7.92
C TYR C 120 -4.66 28.86 7.37
N LYS C 121 -5.17 29.08 6.19
CA LYS C 121 -5.89 28.09 5.47
C LYS C 121 -4.97 27.45 4.39
N GLY C 122 -4.68 26.18 4.54
CA GLY C 122 -3.74 25.48 3.70
C GLY C 122 -4.32 24.39 2.86
N ASP C 123 -3.44 23.78 2.07
CA ASP C 123 -3.78 22.74 1.10
C ASP C 123 -2.83 21.55 1.37
N ILE C 124 -3.39 20.35 1.47
CA ILE C 124 -2.54 19.17 1.67
C ILE C 124 -1.56 18.96 0.52
N ALA C 125 -0.28 18.81 0.83
CA ALA C 125 0.70 18.40 -0.16
C ALA C 125 1.06 16.90 -0.10
N GLU C 126 1.29 16.41 1.10
CA GLU C 126 1.77 15.06 1.34
C GLU C 126 1.47 14.68 2.80
N CYS C 127 1.39 13.39 3.07
CA CYS C 127 1.14 12.91 4.43
C CYS C 127 2.00 11.66 4.62
N SER C 128 2.81 11.66 5.69
CA SER C 128 3.66 10.52 6.02
C SER C 128 2.83 9.35 6.51
N PRO C 129 3.47 8.17 6.49
CA PRO C 129 2.92 7.08 7.32
C PRO C 129 3.12 7.45 8.80
N ALA C 130 2.53 6.65 9.70
CA ALA C 130 2.73 6.82 11.13
C ALA C 130 4.16 6.64 11.54
N VAL C 131 4.76 7.67 12.19
CA VAL C 131 6.21 7.75 12.47
C VAL C 131 6.32 7.92 13.99
N CYS C 132 7.29 7.22 14.58
CA CYS C 132 7.43 7.17 16.03
C CYS C 132 8.10 8.47 16.56
N MET C 133 7.68 8.91 17.72
CA MET C 133 8.24 10.15 18.38
C MET C 133 9.43 9.94 19.26
N ASP C 134 9.40 8.88 20.08
CA ASP C 134 10.57 8.63 20.99
C ASP C 134 10.50 7.15 21.31
N PRO C 135 10.94 6.31 20.34
CA PRO C 135 10.58 4.88 20.43
C PRO C 135 11.29 4.07 21.57
N GLY C 136 12.47 4.51 22.02
CA GLY C 136 13.10 4.00 23.27
C GLY C 136 12.25 4.24 24.56
N LEU C 137 11.23 5.07 24.48
CA LEU C 137 10.41 5.44 25.62
C LEU C 137 8.93 5.31 25.48
N SER C 138 8.35 5.59 24.33
CA SER C 138 6.88 5.57 24.29
C SER C 138 6.55 4.96 22.94
N ASN C 139 5.30 4.63 22.79
CA ASN C 139 4.74 4.13 21.50
C ASN C 139 4.14 5.26 20.69
N CYS C 140 4.19 6.49 21.20
CA CYS C 140 3.58 7.64 20.53
C CYS C 140 3.92 7.80 19.07
N THR C 141 2.91 8.03 18.25
CA THR C 141 3.12 8.19 16.79
C THR C 141 2.35 9.43 16.29
N ILE C 142 2.84 9.94 15.15
CA ILE C 142 2.14 10.98 14.41
C ILE C 142 2.16 10.69 12.91
N HIS C 143 1.33 11.41 12.13
CA HIS C 143 1.60 11.64 10.74
C HIS C 143 2.18 13.09 10.61
N ILE C 144 3.26 13.19 9.86
CA ILE C 144 3.87 14.46 9.47
C ILE C 144 3.19 14.82 8.13
N VAL C 145 2.43 15.91 8.16
CA VAL C 145 1.66 16.30 7.01
C VAL C 145 2.17 17.65 6.46
N THR C 146 2.65 17.57 5.22
CA THR C 146 3.19 18.75 4.52
C THR C 146 2.02 19.52 3.98
N VAL C 147 1.95 20.86 4.27
CA VAL C 147 0.79 21.62 3.88
C VAL C 147 1.28 22.89 3.24
N THR C 148 0.78 23.24 2.09
CA THR C 148 1.21 24.52 1.39
C THR C 148 0.17 25.57 1.81
N ILE C 149 0.62 26.79 2.04
CA ILE C 149 -0.27 27.88 2.32
C ILE C 149 -0.07 28.93 1.23
N ASN C 150 -1.15 29.28 0.50
CA ASN C 150 -1.08 30.39 -0.48
C ASN C 150 -1.13 31.71 0.30
N GLY C 151 0.04 32.26 0.54
CA GLY C 151 0.23 33.55 1.24
C GLY C 151 -0.36 34.76 0.57
N ASP C 152 -0.54 34.69 -0.72
CA ASP C 152 -1.09 35.78 -1.54
C ASP C 152 -2.59 35.76 -1.67
N ASP C 153 -3.26 34.73 -1.18
CA ASP C 153 -4.71 34.64 -1.32
C ASP C 153 -5.26 35.57 -0.26
N ALA C 154 -6.26 36.38 -0.65
CA ALA C 154 -6.87 37.33 0.24
C ALA C 154 -7.33 36.62 1.51
N GLU C 155 -7.84 35.38 1.39
CA GLU C 155 -8.28 34.69 2.59
C GLU C 155 -7.17 34.43 3.62
N ASN C 156 -5.90 34.42 3.20
CA ASN C 156 -4.80 34.33 4.14
C ASN C 156 -4.16 35.70 4.45
N ALA C 157 -4.88 36.78 4.13
CA ALA C 157 -4.30 38.12 4.37
C ALA C 157 -4.02 38.44 5.84
N ARG C 158 -4.95 38.08 6.71
CA ARG C 158 -4.80 38.50 8.09
C ARG C 158 -5.11 37.28 8.93
N PRO C 159 -4.22 36.28 8.94
CA PRO C 159 -4.50 35.11 9.73
C PRO C 159 -4.61 35.36 11.25
N LYS C 160 -5.63 34.77 11.90
CA LYS C 160 -5.76 34.86 13.38
C LYS C 160 -5.96 33.47 13.87
N PRO C 161 -5.06 32.97 14.73
CA PRO C 161 -5.39 31.72 15.35
C PRO C 161 -6.78 31.77 16.01
N LYS C 162 -7.50 30.65 15.99
CA LYS C 162 -8.75 30.47 16.76
C LYS C 162 -8.46 29.32 17.73
N PRO C 163 -7.71 29.61 18.81
CA PRO C 163 -7.16 28.54 19.61
C PRO C 163 -8.15 28.06 20.67
N GLY C 164 -8.02 26.81 21.07
CA GLY C 164 -8.87 26.23 22.11
C GLY C 164 -8.72 26.95 23.43
N ASP C 165 -9.77 26.87 24.26
CA ASP C 165 -9.69 27.33 25.65
C ASP C 165 -8.45 26.77 26.32
N GLY C 166 -7.70 27.66 26.99
CA GLY C 166 -6.37 27.30 27.50
C GLY C 166 -5.14 27.10 26.57
N GLU C 167 -5.36 27.14 25.26
CA GLU C 167 -4.30 27.03 24.26
C GLU C 167 -3.84 28.46 23.99
N PHE C 168 -2.54 28.72 24.10
CA PHE C 168 -1.98 30.07 23.94
C PHE C 168 -0.78 29.93 23.02
N VAL C 169 -0.94 30.37 21.80
CA VAL C 169 0.00 30.04 20.73
C VAL C 169 0.45 31.29 20.07
N GLU C 170 1.75 31.42 19.83
CA GLU C 170 2.32 32.52 19.08
C GLU C 170 2.93 31.92 17.82
N VAL C 171 2.70 32.60 16.72
CA VAL C 171 3.10 32.16 15.38
C VAL C 171 4.42 32.82 15.06
N ILE C 172 5.36 32.02 14.57
CA ILE C 172 6.62 32.49 14.03
C ILE C 172 6.82 31.86 12.64
N SER C 173 7.02 32.68 11.62
CA SER C 173 7.31 32.28 10.23
C SER C 173 8.77 32.59 9.92
N LEU C 174 9.53 31.57 9.55
CA LEU C 174 10.98 31.71 9.34
C LEU C 174 11.32 31.23 7.93
N PRO C 175 12.30 31.89 7.24
CA PRO C 175 12.54 31.54 5.83
C PRO C 175 13.12 30.14 5.76
N LYS C 176 12.59 29.30 4.85
CA LYS C 176 13.05 27.94 4.70
C LYS C 176 14.57 27.89 4.37
N ASN C 177 14.98 28.84 3.55
CA ASN C 177 16.40 28.96 3.11
C ASN C 177 17.42 29.44 4.19
N ASP C 178 16.94 29.77 5.37
CA ASP C 178 17.82 30.12 6.48
C ASP C 178 17.29 29.59 7.82
N LEU C 179 16.64 28.40 7.80
CA LEU C 179 15.87 27.95 8.98
C LEU C 179 16.69 27.74 10.24
N LEU C 180 17.76 26.94 10.10
CA LEU C 180 18.59 26.59 11.20
C LEU C 180 19.23 27.78 11.89
N GLN C 181 19.81 28.66 11.09
CA GLN C 181 20.42 29.92 11.64
C GLN C 181 19.40 30.81 12.32
N ARG C 182 18.25 30.93 11.72
CA ARG C 182 17.18 31.63 12.36
C ARG C 182 16.62 31.00 13.63
N LEU C 183 16.54 29.66 13.71
CA LEU C 183 16.22 28.97 14.94
C LEU C 183 17.29 29.20 16.05
N ASP C 184 18.54 29.03 15.65
CA ASP C 184 19.69 29.31 16.50
C ASP C 184 19.64 30.71 17.11
N ALA C 185 19.25 31.70 16.33
CA ALA C 185 19.16 33.08 16.82
C ALA C 185 17.98 33.31 17.75
N LEU C 186 16.88 32.56 17.59
CA LEU C 186 15.80 32.59 18.60
C LEU C 186 16.16 32.03 19.93
N VAL C 187 16.90 30.94 19.90
CA VAL C 187 17.42 30.20 21.04
C VAL C 187 18.44 31.05 21.85
N ALA C 188 19.21 31.89 21.17
CA ALA C 188 20.19 32.78 21.83
C ALA C 188 19.53 33.99 22.46
N GLU C 189 18.42 34.48 21.89
CA GLU C 189 17.72 35.64 22.45
C GLU C 189 16.86 35.35 23.73
N GLU C 190 16.29 34.13 23.86
CA GLU C 190 15.44 33.74 25.02
C GLU C 190 15.74 32.32 25.44
N HIS C 191 15.32 31.87 26.63
CA HIS C 191 15.30 30.42 26.80
C HIS C 191 14.00 29.83 26.23
N LEU C 192 14.22 29.23 25.08
CA LEU C 192 13.23 28.37 24.56
C LEU C 192 13.93 27.17 23.98
N THR C 193 13.14 26.12 23.77
CA THR C 193 13.67 24.86 23.29
C THR C 193 13.04 24.63 21.89
N VAL C 194 13.87 24.24 20.94
CA VAL C 194 13.39 23.87 19.64
C VAL C 194 13.01 22.39 19.62
N ASP C 195 11.92 22.09 19.02
CA ASP C 195 11.50 20.67 18.84
C ASP C 195 12.50 19.84 17.97
N ALA C 196 12.72 18.58 18.34
CA ALA C 196 13.65 17.73 17.62
C ALA C 196 13.25 17.48 16.15
N ARG C 197 11.97 17.39 15.86
CA ARG C 197 11.53 17.23 14.42
C ARG C 197 11.82 18.50 13.61
N VAL C 198 11.55 19.65 14.22
CA VAL C 198 11.90 20.93 13.60
C VAL C 198 13.40 21.05 13.33
N TYR C 199 14.24 20.78 14.31
CA TYR C 199 15.66 20.87 14.16
C TYR C 199 16.19 19.90 13.12
N SER C 200 15.65 18.69 13.06
CA SER C 200 16.12 17.67 12.07
C SER C 200 15.78 18.17 10.71
N TYR C 201 14.57 18.72 10.58
CA TYR C 201 14.15 19.33 9.32
C TYR C 201 15.10 20.47 8.89
N ALA C 202 15.39 21.39 9.81
CA ALA C 202 16.31 22.52 9.53
C ALA C 202 17.73 22.01 9.13
N LEU C 203 18.16 20.97 9.77
CA LEU C 203 19.55 20.45 9.49
C LEU C 203 19.60 19.90 8.04
N ALA C 204 18.61 19.10 7.69
CA ALA C 204 18.54 18.58 6.30
C ALA C 204 18.42 19.67 5.27
N LEU C 205 17.64 20.74 5.57
CA LEU C 205 17.59 21.85 4.63
C LEU C 205 19.01 22.38 4.36
N LYS C 206 19.79 22.56 5.43
CA LYS C 206 21.18 23.06 5.37
C LYS C 206 22.09 22.03 4.65
N HIS C 207 21.86 20.76 4.90
CA HIS C 207 22.74 19.69 4.29
C HIS C 207 22.43 19.18 2.89
N ALA C 208 21.26 19.52 2.38
CA ALA C 208 20.82 19.04 1.06
C ALA C 208 21.72 19.51 -0.09
N LYS D 15 5.56 35.24 31.75
CA LYS D 15 4.12 35.09 31.40
C LYS D 15 3.64 33.79 32.03
N GLN D 16 3.79 32.60 31.42
CA GLN D 16 3.39 31.36 32.12
C GLN D 16 4.51 30.74 32.98
N TYR D 17 4.16 29.92 34.00
CA TYR D 17 5.16 29.21 34.85
C TYR D 17 4.64 27.97 35.55
N ILE D 18 5.58 27.11 36.00
CA ILE D 18 5.37 25.88 36.78
C ILE D 18 5.15 26.27 38.26
N ILE D 19 4.21 25.61 38.92
CA ILE D 19 3.85 25.86 40.34
C ILE D 19 4.29 24.68 41.20
N SER D 20 3.93 23.47 40.78
CA SER D 20 4.34 22.29 41.44
C SER D 20 4.37 21.12 40.51
N GLU D 21 5.02 20.09 41.00
CA GLU D 21 5.26 18.86 40.31
C GLU D 21 5.02 17.69 41.30
N GLU D 22 3.81 17.13 41.25
CA GLU D 22 3.39 16.11 42.22
C GLU D 22 3.75 14.76 41.60
N LEU D 23 4.69 14.03 42.23
CA LEU D 23 5.12 12.70 41.76
C LEU D 23 3.92 11.79 41.80
N ILE D 24 3.62 11.11 40.69
CA ILE D 24 2.48 10.16 40.68
C ILE D 24 3.00 8.76 40.69
N SER D 25 4.02 8.45 39.91
CA SER D 25 4.64 7.10 39.98
C SER D 25 6.04 7.13 39.36
N GLU D 26 6.96 6.31 39.88
CA GLU D 26 8.40 6.43 39.65
C GLU D 26 9.11 5.07 39.62
N GLY D 27 9.60 4.66 38.46
CA GLY D 27 10.23 3.34 38.23
C GLY D 27 11.71 3.55 38.10
N LYS D 28 12.41 2.54 37.61
CA LYS D 28 13.88 2.58 37.51
C LYS D 28 14.39 3.64 36.52
N TRP D 29 13.68 3.81 35.40
CA TRP D 29 14.10 4.71 34.31
C TRP D 29 13.15 5.89 33.98
N VAL D 30 11.88 5.76 34.34
CA VAL D 30 10.83 6.69 33.87
C VAL D 30 9.89 6.96 35.04
N LYS D 31 9.32 8.17 35.07
CA LYS D 31 8.41 8.59 36.17
C LYS D 31 7.33 9.46 35.59
N LEU D 32 6.17 9.48 36.28
CA LEU D 32 4.99 10.19 35.89
C LEU D 32 4.66 11.19 36.99
N GLU D 33 4.30 12.39 36.59
CA GLU D 33 4.04 13.50 37.50
C GLU D 33 2.87 14.28 37.04
N LYS D 34 2.15 14.88 37.98
CA LYS D 34 1.13 15.86 37.68
C LYS D 34 1.73 17.25 37.89
N THR D 35 1.73 18.04 36.83
CA THR D 35 2.32 19.35 36.82
C THR D 35 1.24 20.38 36.97
N THR D 36 1.40 21.29 37.93
CA THR D 36 0.50 22.44 38.02
C THR D 36 1.19 23.70 37.51
N TYR D 37 0.49 24.48 36.67
CA TYR D 37 1.04 25.72 36.07
C TYR D 37 0.01 26.85 35.98
N MET D 38 0.51 28.07 35.83
CA MET D 38 -0.28 29.26 35.60
C MET D 38 -0.31 29.57 34.13
N ASP D 39 -1.51 29.63 33.55
CA ASP D 39 -1.70 30.15 32.18
C ASP D 39 -1.57 31.65 32.08
N PRO D 40 -1.57 32.21 30.85
CA PRO D 40 -1.47 33.68 30.79
C PRO D 40 -2.73 34.42 31.30
N THR D 41 -3.91 33.79 31.22
CA THR D 41 -5.14 34.40 31.77
C THR D 41 -5.07 34.49 33.30
N GLY D 42 -4.04 33.89 33.93
CA GLY D 42 -3.83 33.90 35.39
C GLY D 42 -4.50 32.75 36.13
N LYS D 43 -4.89 31.72 35.41
CA LYS D 43 -5.61 30.59 35.97
C LYS D 43 -4.70 29.35 36.03
N THR D 44 -4.91 28.56 37.08
CA THR D 44 -4.07 27.46 37.46
C THR D 44 -4.57 26.19 36.73
N ARG D 45 -3.70 25.47 36.01
CA ARG D 45 -4.07 24.23 35.36
C ARG D 45 -3.11 23.09 35.64
N THR D 46 -3.52 21.90 35.25
CA THR D 46 -2.67 20.74 35.42
C THR D 46 -2.30 20.05 34.13
N TRP D 47 -1.29 19.20 34.18
CA TRP D 47 -0.78 18.47 33.02
C TRP D 47 -0.05 17.22 33.50
N GLU D 48 -0.37 16.06 32.93
CA GLU D 48 0.36 14.83 33.25
C GLU D 48 1.60 14.78 32.36
N SER D 49 2.75 14.63 32.98
CA SER D 49 4.07 14.69 32.35
C SER D 49 4.92 13.49 32.71
N VAL D 50 5.85 13.18 31.82
CA VAL D 50 6.71 12.03 31.92
C VAL D 50 8.11 12.61 31.95
N LYS D 51 8.97 12.08 32.84
CA LYS D 51 10.39 12.40 32.84
C LYS D 51 11.22 11.14 32.99
N ARG D 52 12.45 11.19 32.51
CA ARG D 52 13.41 10.13 32.75
C ARG D 52 13.99 10.42 34.16
N THR D 53 14.53 9.38 34.81
CA THR D 53 15.12 9.46 36.13
C THR D 53 16.65 9.53 36.05
N THR D 54 17.25 9.71 34.88
CA THR D 54 18.52 10.50 34.82
C THR D 54 18.30 11.86 34.22
N ALA D 60 21.32 17.38 28.40
CA ALA D 60 20.23 16.66 27.77
C ALA D 60 20.18 15.19 28.23
N ASP D 61 19.13 14.44 27.93
CA ASP D 61 19.08 12.99 28.23
C ASP D 61 19.93 12.10 27.34
N GLY D 62 19.85 12.36 26.04
CA GLY D 62 20.59 11.62 25.02
C GLY D 62 21.23 12.44 23.89
N VAL D 63 21.80 11.68 22.95
CA VAL D 63 22.25 12.18 21.67
C VAL D 63 21.55 11.31 20.62
N ALA D 64 21.30 11.92 19.48
CA ALA D 64 21.00 11.18 18.21
C ALA D 64 22.04 11.64 17.26
N VAL D 65 22.55 10.76 16.42
CA VAL D 65 23.62 11.06 15.53
C VAL D 65 23.08 10.95 14.08
N ILE D 66 23.39 11.97 13.30
CA ILE D 66 23.12 11.98 11.87
C ILE D 66 24.46 11.68 11.19
N PRO D 67 24.67 10.42 10.85
CA PRO D 67 25.98 10.03 10.30
C PRO D 67 26.00 9.98 8.73
N VAL D 68 26.74 10.91 8.13
CA VAL D 68 26.96 11.05 6.68
C VAL D 68 28.23 10.26 6.23
N LEU D 69 28.04 9.07 5.66
CA LEU D 69 29.16 8.25 5.05
C LEU D 69 29.67 8.88 3.72
N GLN D 70 30.87 9.45 3.71
CA GLN D 70 31.44 10.09 2.51
C GLN D 70 32.53 9.18 1.88
N ARG D 71 32.60 9.10 0.55
CA ARG D 71 33.70 8.43 -0.18
C ARG D 71 33.99 9.34 -1.39
N THR D 72 35.24 9.69 -1.69
CA THR D 72 35.48 10.55 -2.88
C THR D 72 35.02 9.80 -4.13
N LEU D 73 34.51 10.52 -5.13
CA LEU D 73 33.96 9.89 -6.33
C LEU D 73 32.73 9.01 -6.11
N HIS D 74 32.01 9.18 -4.99
CA HIS D 74 30.79 8.40 -4.76
C HIS D 74 29.72 9.33 -4.07
N TYR D 75 28.48 8.85 -4.00
CA TYR D 75 27.32 9.62 -3.45
C TYR D 75 27.48 9.48 -1.94
N GLU D 76 26.87 10.38 -1.18
CA GLU D 76 26.74 10.21 0.29
C GLU D 76 25.62 9.26 0.68
N CYS D 77 25.81 8.63 1.83
CA CYS D 77 24.86 7.74 2.43
C CYS D 77 24.67 8.18 3.89
N ILE D 78 23.49 7.87 4.40
CA ILE D 78 23.07 8.23 5.75
C ILE D 78 22.97 6.88 6.45
N VAL D 79 23.77 6.73 7.52
CA VAL D 79 23.82 5.47 8.20
C VAL D 79 22.70 5.44 9.28
N LEU D 80 21.76 4.54 9.18
CA LEU D 80 20.69 4.45 10.13
C LEU D 80 20.91 3.15 10.84
N VAL D 81 20.06 2.87 11.86
CA VAL D 81 20.10 1.61 12.56
C VAL D 81 18.73 1.15 12.77
N LYS D 82 18.53 -0.16 12.79
CA LYS D 82 17.22 -0.78 13.08
C LYS D 82 17.34 -1.67 14.28
N GLN D 83 16.30 -1.68 15.08
CA GLN D 83 16.31 -2.41 16.33
C GLN D 83 14.91 -2.51 16.83
N PHE D 84 14.65 -3.50 17.67
CA PHE D 84 13.35 -3.73 18.30
C PHE D 84 13.25 -2.77 19.49
N ARG D 85 12.10 -2.08 19.57
CA ARG D 85 11.84 -1.07 20.57
C ARG D 85 10.63 -1.57 21.32
N PRO D 86 10.80 -2.07 22.55
CA PRO D 86 9.64 -2.55 23.31
C PRO D 86 8.54 -1.60 23.51
N PRO D 87 8.83 -0.27 23.68
CA PRO D 87 7.61 0.50 23.86
C PRO D 87 6.73 0.55 22.52
N MET D 88 7.36 0.37 21.35
CA MET D 88 6.67 0.37 20.05
C MET D 88 6.16 -1.03 19.70
N GLY D 89 6.61 -2.05 20.42
CA GLY D 89 6.19 -3.37 20.02
C GLY D 89 6.71 -3.79 18.68
N GLY D 90 7.85 -3.23 18.21
CA GLY D 90 8.29 -3.68 16.94
C GLY D 90 9.51 -2.95 16.60
N TYR D 91 9.95 -3.16 15.38
CA TYR D 91 11.24 -2.75 14.94
C TYR D 91 11.10 -1.29 14.43
N CYS D 92 12.15 -0.47 14.63
CA CYS D 92 12.19 0.92 14.31
C CYS D 92 13.47 1.24 13.60
N ILE D 93 13.38 2.15 12.63
CA ILE D 93 14.56 2.64 11.90
C ILE D 93 14.77 4.07 12.44
N GLU D 94 15.96 4.27 12.99
CA GLU D 94 16.30 5.50 13.70
C GLU D 94 17.69 5.91 13.36
N PHE D 95 18.00 7.17 13.70
CA PHE D 95 19.36 7.62 13.72
C PHE D 95 20.01 6.86 14.89
N PRO D 96 21.28 6.50 14.75
CA PRO D 96 21.88 5.90 15.97
C PRO D 96 21.80 6.93 17.15
N ALA D 97 21.60 6.39 18.35
CA ALA D 97 21.32 7.23 19.51
C ALA D 97 21.69 6.50 20.76
N GLY D 98 21.92 7.29 21.81
CA GLY D 98 22.02 6.73 23.16
C GLY D 98 21.94 7.77 24.25
N LEU D 99 21.76 7.35 25.51
CA LEU D 99 21.80 8.29 26.67
C LEU D 99 23.23 8.78 26.89
N ILE D 100 23.36 9.99 27.40
CA ILE D 100 24.67 10.56 27.65
C ILE D 100 25.02 10.02 29.04
N ASP D 101 26.28 9.57 29.14
CA ASP D 101 26.87 8.99 30.37
C ASP D 101 27.27 10.13 31.32
N ASP D 102 27.24 9.89 32.63
CA ASP D 102 27.62 10.95 33.59
C ASP D 102 29.00 11.48 33.27
N GLY D 103 29.12 12.79 33.04
CA GLY D 103 30.43 13.44 32.84
C GLY D 103 31.02 13.42 31.43
N GLU D 104 30.27 12.88 30.47
CA GLU D 104 30.70 12.74 29.09
C GLU D 104 30.02 13.85 28.28
N THR D 105 30.71 14.46 27.33
CA THR D 105 30.17 15.56 26.54
C THR D 105 29.21 14.95 25.50
N PRO D 106 28.20 15.72 25.01
CA PRO D 106 27.42 15.23 23.84
C PRO D 106 28.27 14.77 22.64
N GLU D 107 29.27 15.56 22.25
CA GLU D 107 30.10 15.18 21.12
C GLU D 107 30.75 13.83 21.32
N ALA D 108 31.28 13.56 22.52
CA ALA D 108 31.97 12.31 22.74
C ALA D 108 30.94 11.21 22.85
N ALA D 109 29.77 11.50 23.42
CA ALA D 109 28.73 10.46 23.46
C ALA D 109 28.28 10.07 22.01
N ALA D 110 28.22 11.05 21.11
CA ALA D 110 27.79 10.76 19.74
C ALA D 110 28.80 9.80 19.07
N LEU D 111 30.08 10.20 19.11
CA LEU D 111 31.14 9.38 18.46
C LEU D 111 31.19 7.98 19.07
N ARG D 112 30.96 7.87 20.37
CA ARG D 112 31.03 6.57 21.02
C ARG D 112 29.84 5.76 20.64
N GLU D 113 28.66 6.33 20.77
CA GLU D 113 27.43 5.62 20.42
C GLU D 113 27.34 5.28 18.88
N LEU D 114 27.89 6.13 18.02
CA LEU D 114 28.02 5.80 16.56
C LEU D 114 28.99 4.63 16.35
N GLU D 115 30.17 4.68 16.97
CA GLU D 115 31.09 3.51 16.92
C GLU D 115 30.46 2.26 17.50
N GLU D 116 29.83 2.35 18.68
CA GLU D 116 29.12 1.17 19.21
C GLU D 116 28.08 0.55 18.32
N GLU D 117 27.18 1.40 17.79
CA GLU D 117 25.99 0.90 17.12
C GLU D 117 26.26 0.55 15.65
N THR D 118 27.29 1.14 15.07
CA THR D 118 27.60 0.96 13.66
C THR D 118 29.00 0.48 13.34
N GLY D 119 29.95 0.61 14.26
CA GLY D 119 31.35 0.39 13.94
C GLY D 119 32.09 1.55 13.36
N TYR D 120 31.41 2.60 12.84
CA TYR D 120 32.15 3.65 12.19
C TYR D 120 32.78 4.64 13.17
N LYS D 121 33.82 5.31 12.72
CA LYS D 121 34.61 6.23 13.49
C LYS D 121 34.47 7.53 12.75
N GLY D 122 33.74 8.46 13.40
CA GLY D 122 33.26 9.68 12.80
C GLY D 122 34.07 10.86 13.20
N ASP D 123 33.84 11.97 12.52
CA ASP D 123 34.39 13.27 12.83
C ASP D 123 33.15 14.12 13.11
N ILE D 124 33.21 14.92 14.17
CA ILE D 124 32.11 15.81 14.49
C ILE D 124 32.03 16.95 13.48
N ALA D 125 30.85 17.17 12.88
CA ALA D 125 30.63 18.30 11.99
C ALA D 125 29.89 19.39 12.77
N GLU D 126 28.91 19.04 13.58
CA GLU D 126 28.13 20.07 14.37
C GLU D 126 27.25 19.40 15.39
N CYS D 127 26.81 20.21 16.35
CA CYS D 127 26.04 19.69 17.50
C CYS D 127 24.97 20.71 17.87
N SER D 128 23.73 20.24 17.99
CA SER D 128 22.60 21.11 18.28
C SER D 128 22.63 21.42 19.78
N PRO D 129 21.92 22.48 20.16
CA PRO D 129 21.58 22.57 21.59
C PRO D 129 20.54 21.48 21.95
N ALA D 130 20.17 21.41 23.20
CA ALA D 130 19.19 20.43 23.62
C ALA D 130 17.85 20.73 22.97
N VAL D 131 17.28 19.67 22.34
CA VAL D 131 16.02 19.82 21.59
C VAL D 131 15.01 18.82 22.17
N CYS D 132 13.74 19.17 22.19
CA CYS D 132 12.72 18.40 22.91
C CYS D 132 12.18 17.29 22.01
N MET D 133 11.98 16.14 22.62
CA MET D 133 11.51 14.95 21.92
C MET D 133 10.01 14.91 21.69
N ASP D 134 9.22 15.27 22.69
CA ASP D 134 7.76 15.27 22.59
C ASP D 134 7.22 16.15 23.72
N PRO D 135 7.19 17.50 23.50
CA PRO D 135 7.16 18.36 24.67
C PRO D 135 5.80 18.43 25.30
N GLY D 136 4.73 18.09 24.57
CA GLY D 136 3.39 17.97 25.17
C GLY D 136 3.25 16.70 26.02
N LEU D 137 4.27 15.88 26.06
CA LEU D 137 4.21 14.63 26.80
C LEU D 137 5.29 14.51 27.86
N SER D 138 6.52 14.85 27.55
CA SER D 138 7.68 14.55 28.37
C SER D 138 8.65 15.72 28.39
N ASN D 139 9.64 15.66 29.26
CA ASN D 139 10.66 16.71 29.28
C ASN D 139 11.88 16.22 28.58
N CYS D 140 11.82 15.09 27.85
CA CYS D 140 13.07 14.52 27.33
C CYS D 140 13.64 15.38 26.24
N THR D 141 14.96 15.44 26.24
CA THR D 141 15.68 16.21 25.27
C THR D 141 16.85 15.37 24.78
N ILE D 142 17.34 15.73 23.61
CA ILE D 142 18.62 15.25 23.09
C ILE D 142 19.41 16.37 22.45
N HIS D 143 20.67 16.10 22.18
CA HIS D 143 21.39 16.86 21.23
C HIS D 143 21.39 16.02 19.95
N ILE D 144 21.13 16.70 18.84
CA ILE D 144 21.36 16.08 17.50
C ILE D 144 22.75 16.44 17.06
N VAL D 145 23.56 15.41 16.81
CA VAL D 145 24.92 15.60 16.42
C VAL D 145 25.14 15.10 15.03
N THR D 146 25.61 16.00 14.15
CA THR D 146 25.89 15.67 12.76
C THR D 146 27.39 15.22 12.69
N VAL D 147 27.64 14.05 12.09
CA VAL D 147 28.94 13.31 12.13
C VAL D 147 29.32 12.81 10.71
N THR D 148 30.48 13.19 10.21
CA THR D 148 30.91 12.70 8.86
C THR D 148 31.83 11.52 9.05
N ILE D 149 31.73 10.55 8.15
CA ILE D 149 32.54 9.32 8.27
C ILE D 149 33.39 9.35 7.03
N ASN D 150 34.71 9.17 7.20
CA ASN D 150 35.61 9.25 6.06
C ASN D 150 35.73 7.84 5.60
N GLY D 151 34.87 7.43 4.67
CA GLY D 151 34.81 6.03 4.27
C GLY D 151 35.99 5.61 3.40
N ASP D 152 36.90 6.54 3.08
CA ASP D 152 38.21 6.24 2.45
C ASP D 152 39.39 6.13 3.45
N ASP D 153 39.06 6.09 4.74
CA ASP D 153 40.04 5.75 5.76
C ASP D 153 39.91 4.26 5.99
N ALA D 154 41.09 3.66 6.21
CA ALA D 154 41.18 2.23 6.45
C ALA D 154 40.23 1.78 7.58
N GLU D 155 40.23 2.52 8.70
CA GLU D 155 39.44 2.18 9.90
C GLU D 155 37.95 2.07 9.61
N ASN D 156 37.48 2.77 8.58
CA ASN D 156 36.08 2.70 8.11
C ASN D 156 35.88 1.87 6.88
N ALA D 157 36.83 1.00 6.54
CA ALA D 157 36.66 0.18 5.32
C ALA D 157 35.42 -0.77 5.36
N ARG D 158 35.25 -1.48 6.47
CA ARG D 158 34.15 -2.41 6.66
C ARG D 158 34.06 -2.77 8.13
N PRO D 159 33.70 -1.78 8.97
CA PRO D 159 33.59 -2.02 10.40
C PRO D 159 32.25 -2.68 10.76
N LYS D 160 32.18 -3.21 11.99
CA LYS D 160 30.95 -3.90 12.51
C LYS D 160 30.68 -3.45 13.97
N PRO D 161 29.43 -3.60 14.46
CA PRO D 161 29.05 -2.99 15.74
C PRO D 161 29.60 -3.72 16.97
N LYS D 162 30.06 -2.97 17.99
CA LYS D 162 30.30 -3.53 19.35
C LYS D 162 29.13 -3.21 20.32
N PRO D 163 28.07 -4.03 20.30
CA PRO D 163 26.95 -3.73 21.22
C PRO D 163 27.27 -4.06 22.68
N GLY D 164 26.64 -3.31 23.60
CA GLY D 164 26.54 -3.73 25.00
C GLY D 164 25.60 -4.93 25.11
N ASP D 165 25.36 -5.38 26.34
CA ASP D 165 24.45 -6.52 26.59
C ASP D 165 23.03 -5.99 26.42
N GLY D 166 22.15 -6.84 25.91
CA GLY D 166 20.80 -6.41 25.53
C GLY D 166 20.61 -5.45 24.36
N GLU D 167 21.66 -5.16 23.57
CA GLU D 167 21.56 -4.25 22.42
C GLU D 167 21.83 -4.97 21.11
N PHE D 168 20.79 -5.05 20.27
CA PHE D 168 20.80 -5.84 19.03
C PHE D 168 20.42 -4.88 17.91
N VAL D 169 21.42 -4.42 17.15
CA VAL D 169 21.25 -3.34 16.20
C VAL D 169 21.75 -3.71 14.79
N GLU D 170 20.87 -3.57 13.77
CA GLU D 170 21.27 -3.69 12.34
C GLU D 170 21.56 -2.32 11.73
N VAL D 171 22.69 -2.20 11.05
CA VAL D 171 23.06 -0.99 10.32
C VAL D 171 22.31 -1.01 8.96
N ILE D 172 21.65 0.10 8.63
CA ILE D 172 20.94 0.29 7.30
C ILE D 172 21.50 1.57 6.73
N SER D 173 22.39 1.45 5.76
CA SER D 173 22.98 2.62 5.12
C SER D 173 22.15 2.95 3.85
N LEU D 174 21.62 4.17 3.77
CA LEU D 174 20.77 4.56 2.59
C LEU D 174 21.31 5.72 1.87
N PRO D 175 21.01 5.77 0.54
CA PRO D 175 21.52 6.91 -0.19
C PRO D 175 20.82 8.14 0.33
N LYS D 176 21.61 9.15 0.69
CA LYS D 176 21.16 10.47 1.05
C LYS D 176 20.15 11.02 -0.06
N ASN D 177 20.53 10.84 -1.31
CA ASN D 177 19.81 11.33 -2.47
C ASN D 177 18.40 10.75 -2.69
N ASP D 178 18.05 9.67 -2.04
CA ASP D 178 16.75 9.15 -2.22
C ASP D 178 16.24 8.66 -0.95
N LEU D 179 16.63 9.34 0.14
CA LEU D 179 16.28 8.87 1.45
C LEU D 179 14.81 8.69 1.70
N LEU D 180 14.01 9.67 1.31
CA LEU D 180 12.63 9.61 1.61
C LEU D 180 11.92 8.43 0.93
N GLN D 181 12.20 8.23 -0.35
CA GLN D 181 11.55 7.13 -1.13
C GLN D 181 11.99 5.78 -0.56
N ARG D 182 13.28 5.68 -0.24
CA ARG D 182 13.79 4.43 0.37
C ARG D 182 13.12 4.14 1.64
N LEU D 183 12.90 5.16 2.47
CA LEU D 183 12.06 4.99 3.65
C LEU D 183 10.65 4.58 3.43
N ASP D 184 9.96 5.28 2.54
CA ASP D 184 8.55 4.91 2.28
C ASP D 184 8.47 3.45 1.75
N ALA D 185 9.46 3.03 0.95
CA ALA D 185 9.49 1.67 0.36
C ALA D 185 9.65 0.63 1.49
N LEU D 186 10.60 0.89 2.42
CA LEU D 186 10.74 0.04 3.59
C LEU D 186 9.44 -0.12 4.32
N VAL D 187 8.75 0.97 4.55
CA VAL D 187 7.50 0.96 5.27
C VAL D 187 6.36 0.25 4.53
N ALA D 188 6.41 0.27 3.19
CA ALA D 188 5.32 -0.29 2.39
C ALA D 188 5.45 -1.85 2.42
N GLU D 189 6.69 -2.28 2.64
CA GLU D 189 7.10 -3.68 2.47
C GLU D 189 7.30 -4.45 3.78
N GLU D 190 7.78 -3.79 4.84
CA GLU D 190 8.19 -4.45 6.13
C GLU D 190 7.49 -3.94 7.38
N HIS D 191 7.40 -4.82 8.39
CA HIS D 191 6.73 -4.58 9.63
C HIS D 191 7.78 -3.73 10.37
N LEU D 192 7.71 -2.44 10.15
CA LEU D 192 8.61 -1.53 10.89
C LEU D 192 8.03 -0.12 10.87
N THR D 193 8.59 0.73 11.73
CA THR D 193 8.22 2.16 11.89
C THR D 193 9.47 3.04 11.73
N VAL D 194 9.30 4.14 11.02
CA VAL D 194 10.39 5.03 10.78
C VAL D 194 10.17 6.07 11.88
N ASP D 195 11.28 6.58 12.34
CA ASP D 195 11.28 7.55 13.39
C ASP D 195 10.95 8.90 12.80
N ALA D 196 10.26 9.71 13.57
CA ALA D 196 9.83 11.06 13.14
C ALA D 196 10.94 12.03 12.81
N ARG D 197 12.06 11.95 13.51
N ARG D 197 12.06 11.98 13.54
CA ARG D 197 13.21 12.81 13.22
CA ARG D 197 13.24 12.80 13.23
C ARG D 197 13.94 12.39 11.93
C ARG D 197 13.84 12.39 11.87
N VAL D 198 13.99 11.08 11.64
CA VAL D 198 14.60 10.59 10.41
C VAL D 198 13.68 11.03 9.21
N TYR D 199 12.40 10.89 9.39
CA TYR D 199 11.45 11.21 8.36
C TYR D 199 11.39 12.70 8.11
N SER D 200 11.43 13.51 9.16
CA SER D 200 11.55 14.99 8.94
C SER D 200 12.80 15.31 8.20
N TYR D 201 13.94 14.69 8.57
CA TYR D 201 15.22 14.89 7.84
C TYR D 201 15.03 14.59 6.32
N ALA D 202 14.48 13.42 6.06
CA ALA D 202 14.26 12.90 4.71
C ALA D 202 13.31 13.85 3.89
N LEU D 203 12.23 14.29 4.51
CA LEU D 203 11.34 15.31 3.92
C LEU D 203 12.05 16.57 3.53
N ALA D 204 12.81 17.12 4.47
CA ALA D 204 13.58 18.35 4.18
C ALA D 204 14.63 18.21 3.06
N LEU D 205 15.21 17.02 2.87
CA LEU D 205 16.12 16.83 1.73
C LEU D 205 15.41 17.07 0.37
N LYS D 206 14.13 16.78 0.32
CA LYS D 206 13.35 16.99 -0.86
C LYS D 206 12.80 18.37 -0.89
N HIS D 207 12.38 18.90 0.25
CA HIS D 207 11.86 20.30 0.25
C HIS D 207 12.85 21.44 0.06
N ALA D 208 14.11 21.19 0.34
CA ALA D 208 15.18 22.13 0.14
C ALA D 208 15.26 22.66 -1.27
N ASN D 209 15.61 23.95 -1.37
CA ASN D 209 15.84 24.66 -2.64
C ASN D 209 16.43 23.77 -3.75
#